data_7JW4
#
_entry.id   7JW4
#
_cell.length_a   169.786
_cell.length_b   128.093
_cell.length_c   100.014
_cell.angle_alpha   90.000
_cell.angle_beta   123.160
_cell.angle_gamma   90.000
#
_symmetry.space_group_name_H-M   'C 1 2 1'
#
loop_
_entity.id
_entity.type
_entity.pdbx_description
1 polymer 'Glycoside hydrolase family 110'
2 non-polymer alpha-D-galactopyranose
3 non-polymer 'NICKEL (II) ION'
4 non-polymer beta-D-galactopyranose
5 non-polymer 'CHLORIDE ION'
6 water water
#
_entity_poly.entity_id   1
_entity_poly.type   'polypeptide(L)'
_entity_poly.pdbx_seq_one_letter_code
;MGSSHHHHHHSSGLVPRGSHMASNDKVIDVSDFGAIKDTGSDSTHSLYKALQEAKKIGATKITFPKGRYDFYEERAADRL
MYISNNDPGIKRITFPLSSFNNLEIDGNNSTFIFHGGLVPFILDESSHIVLRNFSIDFSRAFHSEALIAGAGKGYLDLKF
TDQFPYKINEAGILKFQSQLFQASGIKNKDRLKRKQISQDEYKYEYKRVLEFNFALREPEYMAQDIFTGNALRAEKLNGG
DVVRIFHPNLKAKVGNILVFQAKHRDYPGVVISDSNNVELHNITIHHAGGMGVIAQRSHNITIKDSKVSPSKGRIVSTTA
DATHFVNCTGKIKLIDNLFESQKDDATNIHGVYAAIDKIIDDKTVEIKLQHPQQFGFDFIAPEDELELVHGASLITYETN
KVVTSTRVSNEVTRVQFIKPFDSRIKEGDSVSKVRSYAEVIIKGNIIRKNRARGMLLNSRGKTLIENNYFHTPGSAILFE
GDANFWFEQGGVSDVTIKNNVFENSFYSQWGKGIIAVDAGIDDKFKETSRYNKNIVIKGNTFKVFDKAPILNLFSVSNLV
FENNIIEKTTEYPERKKYNSLFVINNSDNITISINNILQGFSEGKSQLLSPTTTYKRAKN
;
_entity_poly.pdbx_strand_id   A,B
#
loop_
_chem_comp.id
_chem_comp.type
_chem_comp.name
_chem_comp.formula
CL non-polymer 'CHLORIDE ION' 'Cl -1'
GAL D-saccharide, beta linking beta-D-galactopyranose 'C6 H12 O6'
GLA D-saccharide, alpha linking alpha-D-galactopyranose 'C6 H12 O6'
NI non-polymer 'NICKEL (II) ION' 'Ni 2'
#
# COMPACT_ATOMS: atom_id res chain seq x y z
N ASN A 24 -25.75 -27.78 -36.56
CA ASN A 24 -25.59 -28.89 -35.64
C ASN A 24 -26.72 -28.91 -34.60
N ASP A 25 -26.97 -30.08 -33.99
CA ASP A 25 -27.82 -30.09 -32.81
C ASP A 25 -27.07 -29.69 -31.54
N LYS A 26 -25.78 -29.35 -31.64
CA LYS A 26 -25.03 -28.87 -30.50
C LYS A 26 -24.82 -27.37 -30.53
N VAL A 27 -24.54 -26.82 -31.71
CA VAL A 27 -24.22 -25.40 -31.89
C VAL A 27 -25.18 -24.83 -32.94
N ILE A 28 -25.93 -23.80 -32.56
CA ILE A 28 -26.89 -23.15 -33.44
C ILE A 28 -26.33 -21.80 -33.86
N ASP A 29 -26.32 -21.56 -35.17
CA ASP A 29 -25.90 -20.29 -35.75
C ASP A 29 -27.15 -19.46 -36.00
N VAL A 30 -27.23 -18.26 -35.41
CA VAL A 30 -28.45 -17.45 -35.56
C VAL A 30 -28.71 -17.14 -37.02
N SER A 31 -27.66 -17.08 -37.86
CA SER A 31 -27.89 -16.71 -39.25
C SER A 31 -28.75 -17.76 -39.96
N ASP A 32 -28.68 -19.03 -39.52
CA ASP A 32 -29.56 -20.05 -40.07
C ASP A 32 -31.02 -19.73 -39.82
N PHE A 33 -31.31 -18.85 -38.85
CA PHE A 33 -32.68 -18.50 -38.54
C PHE A 33 -33.07 -17.12 -39.09
N GLY A 34 -32.23 -16.53 -39.94
CA GLY A 34 -32.60 -15.31 -40.62
C GLY A 34 -31.96 -14.04 -40.09
N ALA A 35 -31.12 -14.14 -39.06
CA ALA A 35 -30.45 -12.96 -38.50
C ALA A 35 -29.22 -12.65 -39.34
N ILE A 36 -29.21 -11.50 -40.01
CA ILE A 36 -28.12 -11.12 -40.89
C ILE A 36 -27.44 -9.88 -40.31
N LYS A 37 -26.14 -9.97 -40.14
CA LYS A 37 -25.36 -8.89 -39.57
C LYS A 37 -25.32 -7.67 -40.48
N ASP A 38 -25.01 -6.53 -39.89
CA ASP A 38 -24.50 -5.35 -40.60
C ASP A 38 -25.52 -4.74 -41.56
N THR A 39 -26.81 -5.01 -41.39
CA THR A 39 -27.83 -4.43 -42.24
C THR A 39 -28.73 -3.45 -41.53
N GLY A 40 -28.74 -3.44 -40.21
CA GLY A 40 -29.63 -2.53 -39.49
C GLY A 40 -31.05 -3.01 -39.34
N SER A 41 -31.40 -4.17 -39.90
CA SER A 41 -32.73 -4.73 -39.76
C SER A 41 -32.88 -5.42 -38.40
N ASP A 42 -34.13 -5.61 -38.00
CA ASP A 42 -34.46 -6.20 -36.70
C ASP A 42 -34.10 -7.67 -36.70
N SER A 43 -33.20 -8.07 -35.81
CA SER A 43 -32.81 -9.47 -35.66
C SER A 43 -33.56 -10.20 -34.53
N THR A 44 -34.58 -9.55 -33.92
CA THR A 44 -35.19 -10.07 -32.70
C THR A 44 -35.91 -11.40 -32.92
N HIS A 45 -36.74 -11.48 -33.97
CA HIS A 45 -37.55 -12.68 -34.13
C HIS A 45 -36.72 -13.87 -34.57
N SER A 46 -35.79 -13.66 -35.52
CA SER A 46 -34.82 -14.69 -35.87
C SER A 46 -34.12 -15.23 -34.64
N LEU A 47 -33.65 -14.31 -33.77
CA LEU A 47 -33.02 -14.74 -32.52
C LEU A 47 -33.99 -15.57 -31.69
N TYR A 48 -35.26 -15.16 -31.64
CA TYR A 48 -36.24 -15.87 -30.83
C TYR A 48 -36.39 -17.32 -31.28
N LYS A 49 -36.54 -17.54 -32.59
CA LYS A 49 -36.72 -18.89 -33.11
C LYS A 49 -35.46 -19.73 -32.90
N ALA A 50 -34.29 -19.11 -33.01
CA ALA A 50 -33.06 -19.83 -32.70
C ALA A 50 -33.03 -20.24 -31.23
N LEU A 51 -33.50 -19.36 -30.34
CA LEU A 51 -33.55 -19.72 -28.91
C LEU A 51 -34.47 -20.91 -28.67
N GLN A 52 -35.68 -20.89 -29.27
CA GLN A 52 -36.62 -21.99 -29.02
C GLN A 52 -36.08 -23.31 -29.57
N GLU A 53 -35.44 -23.27 -30.74
CA GLU A 53 -34.85 -24.50 -31.27
C GLU A 53 -33.74 -25.02 -30.35
N ALA A 54 -32.88 -24.14 -29.85
CA ALA A 54 -31.82 -24.57 -28.93
C ALA A 54 -32.41 -25.30 -27.73
N LYS A 55 -33.52 -24.77 -27.19
CA LYS A 55 -34.19 -25.40 -26.05
C LYS A 55 -34.88 -26.70 -26.46
N LYS A 56 -35.45 -26.73 -27.65
CA LYS A 56 -36.19 -27.92 -28.07
C LYS A 56 -35.27 -29.12 -28.27
N ILE A 57 -34.09 -28.92 -28.87
CA ILE A 57 -33.17 -30.03 -29.14
C ILE A 57 -32.08 -30.19 -28.11
N GLY A 58 -31.91 -29.24 -27.21
CA GLY A 58 -30.87 -29.35 -26.21
C GLY A 58 -29.50 -28.89 -26.66
N ALA A 59 -29.43 -27.93 -27.57
CA ALA A 59 -28.14 -27.42 -27.98
C ALA A 59 -27.52 -26.60 -26.86
N THR A 60 -26.19 -26.59 -26.80
CA THR A 60 -25.47 -25.95 -25.72
C THR A 60 -24.87 -24.60 -26.08
N LYS A 61 -25.04 -24.14 -27.32
CA LYS A 61 -24.42 -22.88 -27.71
C LYS A 61 -25.15 -22.27 -28.89
N ILE A 62 -25.32 -20.96 -28.84
CA ILE A 62 -25.78 -20.15 -29.96
C ILE A 62 -24.68 -19.16 -30.32
N THR A 63 -24.33 -19.11 -31.62
CA THR A 63 -23.26 -18.22 -32.07
C THR A 63 -23.82 -17.18 -33.02
N PHE A 64 -23.20 -15.99 -32.99
CA PHE A 64 -23.45 -14.92 -33.94
C PHE A 64 -22.25 -14.80 -34.86
N PRO A 65 -22.42 -14.80 -36.18
CA PRO A 65 -21.30 -14.39 -37.03
C PRO A 65 -20.97 -12.95 -36.71
N LYS A 66 -19.68 -12.66 -36.59
CA LYS A 66 -19.26 -11.37 -36.08
C LYS A 66 -19.83 -10.23 -36.91
N GLY A 67 -20.48 -9.28 -36.26
CA GLY A 67 -21.01 -8.13 -36.95
C GLY A 67 -21.89 -7.31 -36.02
N ARG A 68 -22.69 -6.43 -36.61
CA ARG A 68 -23.56 -5.56 -35.85
C ARG A 68 -24.99 -6.06 -35.99
N TYR A 69 -25.68 -6.25 -34.87
CA TYR A 69 -27.07 -6.69 -34.91
C TYR A 69 -27.93 -5.68 -34.18
N ASP A 70 -29.03 -5.29 -34.82
CA ASP A 70 -29.97 -4.34 -34.27
C ASP A 70 -31.24 -5.04 -33.82
N PHE A 71 -31.77 -4.63 -32.68
CA PHE A 71 -32.98 -5.18 -32.10
C PHE A 71 -33.96 -4.05 -31.77
N TYR A 72 -35.23 -4.22 -32.15
CA TYR A 72 -36.26 -3.20 -31.98
C TYR A 72 -37.36 -3.72 -31.04
N GLU A 73 -38.34 -2.85 -30.77
CA GLU A 73 -39.39 -3.17 -29.81
C GLU A 73 -40.45 -4.11 -30.39
N GLU A 74 -40.76 -3.94 -31.68
CA GLU A 74 -42.04 -4.37 -32.23
C GLU A 74 -42.29 -5.87 -32.06
N ARG A 75 -41.23 -6.69 -32.12
CA ARG A 75 -41.39 -8.14 -32.06
C ARG A 75 -40.72 -8.76 -30.84
N ALA A 76 -40.43 -7.96 -29.81
CA ALA A 76 -39.83 -8.46 -28.58
C ALA A 76 -40.88 -9.03 -27.63
N ALA A 77 -40.52 -10.11 -26.96
CA ALA A 77 -41.41 -10.74 -26.00
C ALA A 77 -41.69 -9.78 -24.83
N ASP A 78 -42.93 -9.74 -24.39
CA ASP A 78 -43.35 -8.88 -23.28
C ASP A 78 -43.65 -9.73 -22.05
N ARG A 79 -43.15 -9.31 -20.90
CA ARG A 79 -43.41 -9.99 -19.64
CA ARG A 79 -43.40 -10.00 -19.64
C ARG A 79 -43.39 -8.97 -18.50
N LEU A 80 -44.26 -9.18 -17.52
CA LEU A 80 -44.19 -8.43 -16.27
C LEU A 80 -42.89 -8.80 -15.56
N MET A 81 -42.16 -7.81 -15.05
CA MET A 81 -40.96 -8.08 -14.27
C MET A 81 -40.90 -7.18 -13.06
N TYR A 82 -40.64 -7.75 -11.90
CA TYR A 82 -40.15 -7.02 -10.74
C TYR A 82 -38.64 -7.23 -10.69
N ILE A 83 -37.88 -6.13 -10.69
CA ILE A 83 -36.41 -6.18 -10.77
C ILE A 83 -35.86 -5.29 -9.67
N SER A 84 -35.26 -5.91 -8.65
CA SER A 84 -34.91 -5.21 -7.42
C SER A 84 -33.96 -4.04 -7.67
N ASN A 85 -34.25 -2.91 -7.03
CA ASN A 85 -33.48 -1.66 -7.11
C ASN A 85 -33.56 -1.03 -8.49
N ASN A 86 -34.47 -1.51 -9.35
CA ASN A 86 -34.80 -0.90 -10.62
C ASN A 86 -36.32 -0.77 -10.71
N ASP A 87 -36.83 -0.28 -11.84
CA ASP A 87 -38.27 0.01 -11.94
C ASP A 87 -39.05 -1.17 -12.50
N PRO A 88 -40.16 -1.55 -11.87
CA PRO A 88 -40.97 -2.67 -12.35
C PRO A 88 -41.93 -2.25 -13.43
N GLY A 89 -42.34 -3.22 -14.24
CA GLY A 89 -43.37 -2.97 -15.23
C GLY A 89 -43.34 -4.05 -16.29
N ILE A 90 -44.10 -3.80 -17.36
CA ILE A 90 -44.01 -4.63 -18.56
C ILE A 90 -42.68 -4.36 -19.25
N LYS A 91 -41.90 -5.41 -19.46
CA LYS A 91 -40.61 -5.33 -20.13
C LYS A 91 -40.71 -5.97 -21.50
N ARG A 92 -40.12 -5.33 -22.51
CA ARG A 92 -39.83 -5.97 -23.78
C ARG A 92 -38.40 -6.48 -23.74
N ILE A 93 -38.21 -7.77 -24.02
CA ILE A 93 -36.96 -8.45 -23.72
C ILE A 93 -36.42 -9.07 -24.98
N THR A 94 -35.21 -8.66 -25.36
CA THR A 94 -34.59 -9.17 -26.59
C THR A 94 -34.15 -10.62 -26.42
N PHE A 95 -33.47 -10.95 -25.31
CA PHE A 95 -33.05 -12.30 -24.99
C PHE A 95 -33.86 -12.82 -23.80
N PRO A 96 -35.06 -13.32 -24.02
CA PRO A 96 -35.88 -13.80 -22.88
C PRO A 96 -35.47 -15.22 -22.47
N LEU A 97 -34.41 -15.30 -21.67
CA LEU A 97 -33.84 -16.61 -21.26
C LEU A 97 -34.56 -17.14 -20.03
N SER A 98 -35.82 -17.52 -20.24
CA SER A 98 -36.64 -18.11 -19.18
C SER A 98 -36.49 -19.61 -19.21
N SER A 99 -36.07 -20.20 -18.10
CA SER A 99 -35.94 -21.65 -17.99
C SER A 99 -35.05 -22.24 -19.07
N PHE A 100 -33.90 -21.61 -19.31
CA PHE A 100 -32.89 -22.20 -20.17
C PHE A 100 -31.85 -22.85 -19.29
N ASN A 101 -31.16 -23.84 -19.85
CA ASN A 101 -30.18 -24.60 -19.11
C ASN A 101 -29.02 -24.97 -20.01
N ASN A 102 -27.80 -24.81 -19.49
CA ASN A 102 -26.60 -25.28 -20.16
C ASN A 102 -26.51 -24.68 -21.56
N LEU A 103 -26.65 -23.35 -21.63
CA LEU A 103 -26.69 -22.63 -22.91
C LEU A 103 -25.68 -21.49 -22.90
N GLU A 104 -24.83 -21.46 -23.92
CA GLU A 104 -23.82 -20.42 -24.08
C GLU A 104 -24.19 -19.58 -25.28
N ILE A 105 -24.15 -18.27 -25.10
CA ILE A 105 -24.36 -17.35 -26.21
C ILE A 105 -23.02 -16.66 -26.48
N ASP A 106 -22.43 -16.96 -27.64
CA ASP A 106 -21.13 -16.44 -28.04
C ASP A 106 -21.36 -15.46 -29.19
N GLY A 107 -21.16 -14.17 -28.92
CA GLY A 107 -21.36 -13.19 -29.96
C GLY A 107 -20.20 -13.03 -30.94
N ASN A 108 -19.07 -13.69 -30.71
CA ASN A 108 -17.89 -13.55 -31.57
C ASN A 108 -17.46 -12.10 -31.70
N ASN A 109 -17.67 -11.32 -30.63
CA ASN A 109 -17.33 -9.90 -30.57
C ASN A 109 -18.21 -9.08 -31.50
N SER A 110 -19.40 -9.59 -31.80
CA SER A 110 -20.44 -8.78 -32.42
C SER A 110 -20.76 -7.57 -31.54
N THR A 111 -21.42 -6.57 -32.13
CA THR A 111 -21.95 -5.46 -31.34
C THR A 111 -23.47 -5.48 -31.44
N PHE A 112 -24.14 -5.38 -30.29
CA PHE A 112 -25.60 -5.39 -30.21
C PHE A 112 -26.12 -3.98 -29.94
N ILE A 113 -27.07 -3.53 -30.76
CA ILE A 113 -27.65 -2.21 -30.63
C ILE A 113 -29.15 -2.36 -30.39
N PHE A 114 -29.62 -1.75 -29.31
CA PHE A 114 -31.01 -1.89 -28.87
C PHE A 114 -31.71 -0.55 -29.06
N HIS A 115 -32.82 -0.57 -29.79
CA HIS A 115 -33.56 0.63 -30.14
C HIS A 115 -34.77 0.78 -29.23
N GLY A 116 -34.77 1.81 -28.38
CA GLY A 116 -35.94 2.10 -27.56
C GLY A 116 -35.94 1.42 -26.20
N GLY A 117 -37.13 1.09 -25.70
CA GLY A 117 -37.23 0.53 -24.37
C GLY A 117 -37.12 -0.98 -24.32
N LEU A 118 -35.89 -1.50 -24.37
CA LEU A 118 -35.64 -2.93 -24.38
C LEU A 118 -34.76 -3.31 -23.20
N VAL A 119 -35.10 -4.39 -22.51
CA VAL A 119 -34.18 -5.08 -21.60
C VAL A 119 -33.41 -6.10 -22.45
N PRO A 120 -32.10 -5.91 -22.66
CA PRO A 120 -31.36 -6.88 -23.50
C PRO A 120 -31.51 -8.32 -23.04
N PHE A 121 -31.21 -8.61 -21.77
CA PHE A 121 -31.19 -9.99 -21.27
C PHE A 121 -31.98 -10.06 -19.98
N ILE A 122 -32.90 -11.01 -19.90
CA ILE A 122 -33.47 -11.41 -18.62
C ILE A 122 -33.29 -12.91 -18.51
N LEU A 123 -32.44 -13.32 -17.56
CA LEU A 123 -32.27 -14.71 -17.18
C LEU A 123 -33.19 -14.98 -16.01
N ASP A 124 -34.15 -15.89 -16.21
CA ASP A 124 -35.24 -16.12 -15.26
C ASP A 124 -35.37 -17.62 -15.07
N GLU A 125 -35.09 -18.11 -13.86
CA GLU A 125 -35.17 -19.55 -13.58
C GLU A 125 -34.31 -20.34 -14.55
N SER A 126 -33.18 -19.77 -14.96
CA SER A 126 -32.23 -20.43 -15.84
C SER A 126 -31.01 -20.91 -15.07
N SER A 127 -30.21 -21.75 -15.72
CA SER A 127 -29.14 -22.46 -15.04
C SER A 127 -27.98 -22.72 -16.00
N HIS A 128 -26.76 -22.50 -15.54
CA HIS A 128 -25.55 -22.73 -16.34
C HIS A 128 -25.62 -22.00 -17.69
N ILE A 129 -25.74 -20.68 -17.59
CA ILE A 129 -25.81 -19.80 -18.76
C ILE A 129 -24.45 -19.08 -18.89
N VAL A 130 -23.89 -19.10 -20.09
CA VAL A 130 -22.67 -18.34 -20.38
C VAL A 130 -22.97 -17.31 -21.45
N LEU A 131 -22.67 -16.05 -21.14
CA LEU A 131 -22.69 -14.96 -22.11
C LEU A 131 -21.26 -14.53 -22.41
N ARG A 132 -20.92 -14.43 -23.69
CA ARG A 132 -19.52 -14.34 -24.08
C ARG A 132 -19.37 -13.47 -25.33
N ASN A 133 -18.43 -12.53 -25.29
CA ASN A 133 -17.92 -11.89 -26.50
C ASN A 133 -18.96 -11.05 -27.25
N PHE A 134 -19.52 -10.02 -26.62
CA PHE A 134 -20.31 -9.05 -27.36
C PHE A 134 -20.44 -7.78 -26.55
N SER A 135 -20.96 -6.74 -27.21
CA SER A 135 -21.22 -5.47 -26.56
C SER A 135 -22.70 -5.13 -26.63
N ILE A 136 -23.16 -4.39 -25.65
CA ILE A 136 -24.54 -3.95 -25.54
C ILE A 136 -24.54 -2.43 -25.56
N ASP A 137 -25.39 -1.85 -26.40
CA ASP A 137 -25.56 -0.41 -26.41
C ASP A 137 -26.98 -0.09 -26.89
N PHE A 138 -27.40 1.14 -26.62
CA PHE A 138 -28.68 1.65 -27.11
C PHE A 138 -28.42 2.74 -28.15
N SER A 139 -29.32 2.83 -29.13
CA SER A 139 -29.07 3.76 -30.23
C SER A 139 -29.20 5.21 -29.77
N ARG A 140 -30.08 5.48 -28.81
CA ARG A 140 -30.16 6.77 -28.15
C ARG A 140 -30.07 6.54 -26.65
N ALA A 141 -29.06 7.14 -26.02
CA ALA A 141 -28.88 7.00 -24.58
C ALA A 141 -30.11 7.47 -23.83
N PHE A 142 -30.31 6.93 -22.64
CA PHE A 142 -31.45 7.35 -21.84
C PHE A 142 -31.14 8.62 -21.05
N HIS A 143 -29.89 8.82 -20.66
CA HIS A 143 -29.46 10.11 -20.18
C HIS A 143 -29.11 11.01 -21.36
N SER A 144 -28.88 12.30 -21.09
CA SER A 144 -28.36 13.21 -22.11
C SER A 144 -27.14 13.96 -21.56
N GLU A 145 -26.36 14.52 -22.48
CA GLU A 145 -25.12 15.23 -22.15
C GLU A 145 -25.01 16.47 -23.02
N ALA A 146 -24.32 17.49 -22.53
CA ALA A 146 -24.09 18.69 -23.31
C ALA A 146 -22.79 19.37 -22.91
N LEU A 147 -22.21 20.09 -23.87
CA LEU A 147 -21.06 20.94 -23.59
C LEU A 147 -21.56 22.24 -22.97
N ILE A 148 -20.97 22.62 -21.84
CA ILE A 148 -21.30 23.89 -21.21
C ILE A 148 -20.54 24.98 -21.95
N ALA A 149 -21.27 25.80 -22.70
CA ALA A 149 -20.67 26.89 -23.47
C ALA A 149 -20.75 28.24 -22.76
N GLY A 150 -21.59 28.36 -21.75
CA GLY A 150 -21.74 29.60 -21.03
C GLY A 150 -22.51 29.37 -19.76
N ALA A 151 -22.35 30.31 -18.82
CA ALA A 151 -22.93 30.21 -17.49
C ALA A 151 -23.15 31.61 -16.94
N GLY A 152 -24.25 31.76 -16.19
CA GLY A 152 -24.52 33.00 -15.48
C GLY A 152 -25.41 32.70 -14.30
N LYS A 153 -25.87 33.75 -13.61
CA LYS A 153 -26.77 33.52 -12.49
C LYS A 153 -28.06 32.87 -13.00
N GLY A 154 -28.36 31.67 -12.52
CA GLY A 154 -29.64 31.04 -12.81
C GLY A 154 -29.77 30.48 -14.20
N TYR A 155 -28.66 30.20 -14.88
CA TYR A 155 -28.77 29.61 -16.20
C TYR A 155 -27.44 28.99 -16.60
N LEU A 156 -27.52 28.05 -17.54
CA LEU A 156 -26.36 27.52 -18.25
C LEU A 156 -26.66 27.57 -19.74
N ASP A 157 -25.61 27.77 -20.53
CA ASP A 157 -25.75 27.75 -21.98
C ASP A 157 -25.11 26.47 -22.49
N LEU A 158 -25.88 25.67 -23.25
CA LEU A 158 -25.48 24.31 -23.59
C LEU A 158 -25.42 24.09 -25.10
N LYS A 159 -24.57 23.16 -25.50
CA LYS A 159 -24.50 22.71 -26.89
C LYS A 159 -24.64 21.19 -26.90
N PHE A 160 -25.66 20.70 -27.58
CA PHE A 160 -25.92 19.27 -27.70
C PHE A 160 -25.43 18.77 -29.05
N THR A 161 -24.95 17.53 -29.07
CA THR A 161 -24.64 16.90 -30.34
C THR A 161 -25.88 16.19 -30.87
N ASP A 162 -25.80 15.70 -32.12
CA ASP A 162 -26.87 14.94 -32.76
C ASP A 162 -27.31 13.76 -31.91
N GLN A 163 -26.39 13.17 -31.17
CA GLN A 163 -26.65 11.96 -30.39
C GLN A 163 -27.73 12.18 -29.33
N PHE A 164 -28.01 13.42 -28.96
CA PHE A 164 -28.98 13.72 -27.91
C PHE A 164 -30.08 14.62 -28.45
N PRO A 165 -30.99 14.08 -29.29
CA PRO A 165 -32.06 14.92 -29.81
C PRO A 165 -32.97 15.42 -28.69
N TYR A 166 -33.60 16.57 -28.95
CA TYR A 166 -34.44 17.25 -27.97
C TYR A 166 -35.43 18.15 -28.70
N LYS A 167 -36.47 18.55 -27.98
CA LYS A 167 -37.35 19.64 -28.39
C LYS A 167 -37.57 20.57 -27.21
N ILE A 168 -37.77 21.84 -27.53
CA ILE A 168 -38.34 22.80 -26.60
C ILE A 168 -39.75 23.09 -27.11
N ASN A 169 -40.76 22.76 -26.31
CA ASN A 169 -42.14 22.86 -26.77
C ASN A 169 -42.65 24.29 -26.53
N GLU A 170 -43.89 24.56 -26.92
CA GLU A 170 -44.39 25.93 -26.78
C GLU A 170 -44.49 26.35 -25.32
N ALA A 171 -44.55 25.40 -24.40
CA ALA A 171 -44.50 25.75 -22.99
C ALA A 171 -43.13 26.26 -22.56
N GLY A 172 -42.10 26.10 -23.39
CA GLY A 172 -40.77 26.52 -23.02
C GLY A 172 -40.02 25.52 -22.18
N ILE A 173 -40.29 24.23 -22.36
CA ILE A 173 -39.71 23.16 -21.55
C ILE A 173 -38.82 22.29 -22.42
N LEU A 174 -37.61 22.02 -21.95
CA LEU A 174 -36.68 21.14 -22.64
C LEU A 174 -37.09 19.68 -22.43
N LYS A 175 -37.29 18.94 -23.52
CA LYS A 175 -37.74 17.55 -23.47
C LYS A 175 -36.94 16.74 -24.47
N PHE A 176 -36.17 15.79 -23.97
CA PHE A 176 -35.38 14.97 -24.87
C PHE A 176 -36.27 13.94 -25.58
N GLN A 177 -35.79 13.51 -26.74
CA GLN A 177 -36.55 12.70 -27.66
C GLN A 177 -35.80 11.41 -27.97
N SER A 178 -36.56 10.39 -28.38
CA SER A 178 -35.97 9.15 -28.82
C SER A 178 -35.23 9.31 -30.14
N GLN A 179 -35.61 10.30 -30.92
CA GLN A 179 -35.10 10.53 -32.26
C GLN A 179 -35.76 11.79 -32.77
N LEU A 180 -35.16 12.40 -33.78
CA LEU A 180 -35.79 13.53 -34.44
C LEU A 180 -36.73 13.01 -35.53
N PHE A 181 -37.91 13.61 -35.61
CA PHE A 181 -38.91 13.14 -36.56
C PHE A 181 -38.47 13.43 -37.98
N GLN A 182 -38.28 12.38 -38.77
CA GLN A 182 -38.03 12.48 -40.21
C GLN A 182 -39.33 12.16 -40.95
N ALA A 183 -39.78 13.09 -41.79
CA ALA A 183 -41.05 12.91 -42.50
C ALA A 183 -40.99 11.69 -43.42
N SER A 184 -42.16 11.11 -43.67
CA SER A 184 -42.25 9.83 -44.37
C SER A 184 -42.51 9.95 -45.87
N GLY A 185 -43.27 10.96 -46.30
CA GLY A 185 -43.86 10.95 -47.63
C GLY A 185 -45.35 10.67 -47.53
N ILE A 186 -45.71 9.50 -47.02
CA ILE A 186 -47.11 9.19 -46.72
C ILE A 186 -47.54 10.00 -45.50
N LYS A 187 -48.57 10.83 -45.66
CA LYS A 187 -48.96 11.75 -44.60
C LYS A 187 -49.48 11.02 -43.38
N ASN A 188 -50.07 9.83 -43.55
CA ASN A 188 -50.67 9.16 -42.40
C ASN A 188 -49.64 8.39 -41.58
N LYS A 189 -48.65 7.79 -42.24
CA LYS A 189 -47.54 7.21 -41.50
C LYS A 189 -46.88 8.26 -40.60
N ASP A 190 -46.96 9.54 -40.99
CA ASP A 190 -46.35 10.62 -40.21
C ASP A 190 -47.13 10.89 -38.93
N ARG A 191 -48.46 10.85 -38.97
CA ARG A 191 -49.22 11.16 -37.77
C ARG A 191 -49.00 10.12 -36.67
N LEU A 192 -48.94 8.84 -37.05
CA LEU A 192 -48.72 7.77 -36.07
C LEU A 192 -47.30 7.79 -35.54
N LYS A 193 -46.33 8.07 -36.42
CA LYS A 193 -44.94 8.16 -35.98
C LYS A 193 -44.72 9.29 -34.99
N ARG A 194 -45.36 10.44 -35.22
CA ARG A 194 -45.27 11.53 -34.27
C ARG A 194 -45.85 11.14 -32.91
N LYS A 195 -47.01 10.46 -32.92
CA LYS A 195 -47.59 10.02 -31.66
C LYS A 195 -46.66 9.05 -30.95
N GLN A 196 -45.98 8.20 -31.72
CA GLN A 196 -45.06 7.24 -31.13
C GLN A 196 -43.83 7.94 -30.54
N ILE A 197 -43.21 8.84 -31.31
CA ILE A 197 -42.09 9.61 -30.80
C ILE A 197 -42.50 10.38 -29.55
N SER A 198 -43.73 10.90 -29.55
CA SER A 198 -44.23 11.67 -28.42
C SER A 198 -44.34 10.81 -27.17
N GLN A 199 -44.82 9.58 -27.30
CA GLN A 199 -44.92 8.70 -26.14
C GLN A 199 -43.57 8.20 -25.67
N ASP A 200 -42.55 8.22 -26.54
CA ASP A 200 -41.22 7.87 -26.09
C ASP A 200 -40.61 8.88 -25.12
N GLU A 201 -41.24 10.04 -24.92
CA GLU A 201 -40.57 11.10 -24.16
C GLU A 201 -40.29 10.67 -22.74
N TYR A 202 -41.22 9.91 -22.13
CA TYR A 202 -41.06 9.40 -20.77
C TYR A 202 -39.70 8.75 -20.56
N LYS A 203 -39.22 7.99 -21.54
CA LYS A 203 -38.01 7.20 -21.38
C LYS A 203 -36.78 8.06 -21.20
N TYR A 204 -36.83 9.30 -21.67
CA TYR A 204 -35.68 10.20 -21.68
C TYR A 204 -35.85 11.34 -20.70
N GLU A 205 -36.78 11.17 -19.75
CA GLU A 205 -36.96 12.14 -18.70
C GLU A 205 -35.71 12.25 -17.83
N TYR A 206 -35.44 13.46 -17.36
CA TYR A 206 -34.31 13.68 -16.48
C TYR A 206 -34.81 14.01 -15.08
N LYS A 207 -33.88 14.10 -14.14
CA LYS A 207 -34.20 14.27 -12.74
C LYS A 207 -33.29 15.33 -12.10
N ARG A 208 -32.02 15.34 -12.52
CA ARG A 208 -31.01 16.20 -11.93
C ARG A 208 -29.86 16.33 -12.92
N VAL A 209 -28.98 17.28 -12.68
CA VAL A 209 -27.85 17.51 -13.56
C VAL A 209 -26.57 17.47 -12.73
N LEU A 210 -25.47 17.11 -13.39
CA LEU A 210 -24.20 16.99 -12.71
C LEU A 210 -23.07 17.37 -13.67
N GLU A 211 -22.19 18.25 -13.19
CA GLU A 211 -21.08 18.76 -13.98
C GLU A 211 -19.90 17.77 -13.97
N PHE A 212 -19.36 17.49 -15.15
CA PHE A 212 -18.21 16.60 -15.31
C PHE A 212 -17.02 17.38 -15.84
N ASN A 213 -15.83 17.03 -15.33
CA ASN A 213 -14.59 17.63 -15.80
C ASN A 213 -14.29 17.18 -17.22
N PHE A 214 -14.14 18.14 -18.13
CA PHE A 214 -13.95 17.80 -19.54
C PHE A 214 -12.71 16.93 -19.74
N ALA A 215 -11.58 17.34 -19.18
CA ALA A 215 -10.34 16.63 -19.46
C ALA A 215 -10.29 15.27 -18.79
N LEU A 216 -10.71 15.19 -17.54
CA LEU A 216 -10.59 13.95 -16.77
C LEU A 216 -11.78 13.01 -16.94
N ARG A 217 -12.88 13.47 -17.56
CA ARG A 217 -14.03 12.60 -17.88
C ARG A 217 -14.59 11.95 -16.61
N GLU A 218 -14.82 12.76 -15.60
CA GLU A 218 -15.28 12.32 -14.30
C GLU A 218 -16.04 13.49 -13.70
N PRO A 219 -16.82 13.27 -12.65
CA PRO A 219 -17.51 14.39 -12.01
C PRO A 219 -16.53 15.48 -11.60
N GLU A 220 -16.90 16.73 -11.88
CA GLU A 220 -16.03 17.86 -11.56
C GLU A 220 -15.75 17.90 -10.06
N TYR A 221 -14.49 18.20 -9.72
CA TYR A 221 -14.05 18.26 -8.33
C TYR A 221 -14.93 19.18 -7.50
N MET A 222 -15.51 18.63 -6.44
CA MET A 222 -16.41 19.35 -5.53
C MET A 222 -17.64 19.89 -6.22
N ALA A 223 -18.07 19.27 -7.32
CA ALA A 223 -19.38 19.53 -7.87
C ALA A 223 -20.40 18.61 -7.19
N GLN A 224 -21.63 19.08 -7.12
CA GLN A 224 -22.73 18.37 -6.47
C GLN A 224 -23.85 18.09 -7.47
N ASP A 225 -24.62 17.04 -7.21
CA ASP A 225 -25.90 16.87 -7.89
C ASP A 225 -26.74 18.12 -7.69
N ILE A 226 -27.38 18.58 -8.77
CA ILE A 226 -28.28 19.73 -8.71
C ILE A 226 -29.67 19.24 -9.09
N PHE A 227 -30.56 19.17 -8.12
CA PHE A 227 -31.88 18.63 -8.40
C PHE A 227 -32.66 19.61 -9.27
N THR A 228 -33.14 19.12 -10.41
CA THR A 228 -33.96 19.91 -11.32
C THR A 228 -35.41 19.48 -11.36
N GLY A 229 -35.69 18.18 -11.24
CA GLY A 229 -36.98 17.66 -11.67
C GLY A 229 -36.93 17.37 -13.16
N ASN A 230 -38.07 16.94 -13.70
CA ASN A 230 -38.11 16.45 -15.07
C ASN A 230 -38.52 17.53 -16.07
N ALA A 231 -38.53 18.80 -15.66
CA ALA A 231 -38.94 19.90 -16.52
C ALA A 231 -38.07 21.10 -16.21
N LEU A 232 -37.20 21.47 -17.13
CA LEU A 232 -36.42 22.70 -17.03
C LEU A 232 -36.89 23.71 -18.07
N ARG A 233 -37.01 24.98 -17.65
CA ARG A 233 -37.28 26.05 -18.61
CA ARG A 233 -37.27 26.06 -18.60
C ARG A 233 -36.09 26.22 -19.54
N ALA A 234 -36.37 26.51 -20.81
CA ALA A 234 -35.29 26.54 -21.78
C ALA A 234 -35.65 27.47 -22.93
N GLU A 235 -34.62 27.92 -23.63
CA GLU A 235 -34.74 28.78 -24.81
C GLU A 235 -33.63 28.43 -25.77
N LYS A 236 -33.96 28.39 -27.07
CA LYS A 236 -32.94 28.32 -28.11
C LYS A 236 -32.52 29.76 -28.43
N LEU A 237 -31.31 30.13 -28.02
CA LEU A 237 -30.81 31.47 -28.31
C LEU A 237 -30.77 31.69 -29.82
N ASN A 238 -31.44 32.75 -30.27
CA ASN A 238 -31.42 33.14 -31.68
C ASN A 238 -31.76 34.63 -31.84
N ASP A 241 -28.31 27.37 -32.32
CA ASP A 241 -27.33 26.30 -32.07
C ASP A 241 -27.10 26.02 -30.58
N VAL A 242 -27.47 26.97 -29.73
CA VAL A 242 -27.17 26.93 -28.30
C VAL A 242 -28.49 26.95 -27.52
N VAL A 243 -28.55 26.16 -26.46
CA VAL A 243 -29.72 26.03 -25.62
C VAL A 243 -29.40 26.58 -24.25
N ARG A 244 -30.18 27.57 -23.83
CA ARG A 244 -30.12 28.08 -22.46
C ARG A 244 -31.19 27.38 -21.64
N ILE A 245 -30.78 26.82 -20.49
CA ILE A 245 -31.69 26.28 -19.49
C ILE A 245 -31.63 27.16 -18.25
N PHE A 246 -32.77 27.29 -17.57
CA PHE A 246 -32.94 28.18 -16.43
C PHE A 246 -33.30 27.37 -15.18
N HIS A 247 -32.55 27.59 -14.10
CA HIS A 247 -32.87 27.05 -12.79
C HIS A 247 -32.05 27.81 -11.77
N PRO A 248 -32.62 28.17 -10.62
CA PRO A 248 -31.88 28.99 -9.66
C PRO A 248 -30.57 28.38 -9.20
N ASN A 249 -30.48 27.06 -9.09
CA ASN A 249 -29.31 26.42 -8.49
C ASN A 249 -28.26 25.96 -9.49
N LEU A 250 -28.38 26.36 -10.76
CA LEU A 250 -27.39 25.95 -11.75
C LEU A 250 -26.07 26.70 -11.54
N LYS A 251 -24.97 25.95 -11.51
CA LYS A 251 -23.64 26.53 -11.45
C LYS A 251 -22.68 25.49 -11.99
N ALA A 252 -21.74 25.93 -12.82
CA ALA A 252 -20.83 25.02 -13.49
C ALA A 252 -19.74 25.82 -14.18
N LYS A 253 -18.62 25.14 -14.45
CA LYS A 253 -17.50 25.76 -15.15
C LYS A 253 -17.69 25.62 -16.66
N VAL A 254 -17.47 26.72 -17.37
CA VAL A 254 -17.58 26.70 -18.82
C VAL A 254 -16.50 25.79 -19.42
N GLY A 255 -16.90 24.99 -20.40
CA GLY A 255 -16.04 24.00 -21.02
C GLY A 255 -16.22 22.61 -20.47
N ASN A 256 -16.88 22.47 -19.33
CA ASN A 256 -17.18 21.16 -18.78
C ASN A 256 -18.43 20.60 -19.48
N ILE A 257 -18.79 19.39 -19.09
CA ILE A 257 -19.89 18.66 -19.72
C ILE A 257 -20.96 18.45 -18.67
N LEU A 258 -22.19 18.88 -18.99
CA LEU A 258 -23.32 18.71 -18.10
C LEU A 258 -24.07 17.43 -18.46
N VAL A 259 -24.27 16.58 -17.47
CA VAL A 259 -25.00 15.32 -17.63
C VAL A 259 -26.39 15.48 -17.03
N PHE A 260 -27.42 15.15 -17.82
CA PHE A 260 -28.78 15.03 -17.32
C PHE A 260 -29.02 13.59 -16.88
N GLN A 261 -29.26 13.37 -15.60
CA GLN A 261 -29.43 12.02 -15.09
C GLN A 261 -30.80 11.48 -15.46
N ALA A 262 -30.82 10.32 -16.12
CA ALA A 262 -32.08 9.63 -16.43
C ALA A 262 -32.92 9.44 -15.17
N LYS A 263 -34.20 9.76 -15.27
CA LYS A 263 -35.07 9.64 -14.11
C LYS A 263 -35.45 8.20 -13.78
N HIS A 264 -35.47 7.31 -14.76
CA HIS A 264 -36.02 5.97 -14.57
C HIS A 264 -34.96 4.90 -14.69
N ARG A 265 -35.25 3.75 -14.10
CA ARG A 265 -34.39 2.58 -14.28
C ARG A 265 -35.19 1.45 -14.91
N ASP A 266 -35.68 1.66 -16.12
CA ASP A 266 -36.62 0.72 -16.72
C ASP A 266 -35.97 -0.34 -17.60
N TYR A 267 -34.71 -0.15 -18.01
CA TYR A 267 -34.07 -1.03 -18.99
C TYR A 267 -32.65 -1.40 -18.55
N PRO A 268 -32.52 -2.23 -17.52
CA PRO A 268 -31.20 -2.73 -17.14
C PRO A 268 -30.63 -3.64 -18.22
N GLY A 269 -29.32 -3.83 -18.20
CA GLY A 269 -28.67 -4.54 -19.28
C GLY A 269 -28.84 -6.05 -19.20
N VAL A 270 -28.39 -6.64 -18.10
CA VAL A 270 -28.45 -8.07 -17.92
C VAL A 270 -29.13 -8.30 -16.57
N VAL A 271 -30.33 -8.88 -16.59
CA VAL A 271 -31.05 -9.27 -15.38
C VAL A 271 -30.84 -10.75 -15.14
N ILE A 272 -30.43 -11.11 -13.92
CA ILE A 272 -30.19 -12.48 -13.49
C ILE A 272 -31.11 -12.72 -12.30
N SER A 273 -32.13 -13.57 -12.48
CA SER A 273 -33.17 -13.59 -11.46
C SER A 273 -33.56 -15.05 -11.23
N ASP A 274 -33.55 -15.46 -9.96
CA ASP A 274 -33.88 -16.84 -9.57
C ASP A 274 -33.14 -17.85 -10.44
N SER A 275 -31.89 -17.54 -10.75
CA SER A 275 -31.09 -18.33 -11.66
C SER A 275 -29.83 -18.79 -10.94
N ASN A 276 -29.10 -19.73 -11.54
CA ASN A 276 -27.86 -20.18 -10.92
C ASN A 276 -26.79 -20.43 -11.98
N ASN A 277 -25.53 -20.31 -11.54
CA ASN A 277 -24.34 -20.60 -12.34
C ASN A 277 -24.34 -19.84 -13.67
N VAL A 278 -24.28 -18.51 -13.56
CA VAL A 278 -24.21 -17.61 -14.71
C VAL A 278 -22.82 -16.99 -14.82
N GLU A 279 -22.30 -16.91 -16.05
CA GLU A 279 -20.97 -16.36 -16.32
C GLU A 279 -21.04 -15.36 -17.45
N LEU A 280 -20.42 -14.21 -17.23
CA LEU A 280 -20.24 -13.20 -18.28
C LEU A 280 -18.73 -13.10 -18.57
N HIS A 281 -18.34 -13.33 -19.81
CA HIS A 281 -16.95 -13.23 -20.21
C HIS A 281 -16.84 -12.28 -21.37
N ASN A 282 -16.00 -11.26 -21.24
CA ASN A 282 -15.72 -10.34 -22.33
C ASN A 282 -17.03 -9.72 -22.86
N ILE A 283 -17.88 -9.29 -21.93
CA ILE A 283 -19.08 -8.54 -22.24
C ILE A 283 -18.77 -7.06 -22.06
N THR A 284 -19.14 -6.25 -23.04
CA THR A 284 -19.02 -4.80 -22.91
C THR A 284 -20.42 -4.22 -22.82
N ILE A 285 -20.75 -3.62 -21.69
CA ILE A 285 -22.04 -2.94 -21.54
C ILE A 285 -21.73 -1.44 -21.66
N HIS A 286 -22.05 -0.87 -22.82
CA HIS A 286 -21.84 0.56 -23.02
C HIS A 286 -22.88 1.41 -22.31
N HIS A 287 -24.07 0.87 -22.07
CA HIS A 287 -25.19 1.69 -21.64
C HIS A 287 -26.34 0.80 -21.17
N ALA A 288 -27.15 1.34 -20.26
CA ALA A 288 -28.33 0.65 -19.78
C ALA A 288 -29.24 1.70 -19.19
N GLY A 289 -30.55 1.47 -19.31
CA GLY A 289 -31.49 2.32 -18.61
C GLY A 289 -31.67 1.85 -17.19
N GLY A 290 -30.73 2.21 -16.31
CA GLY A 290 -30.60 1.57 -15.02
C GLY A 290 -29.24 0.89 -14.91
N MET A 291 -29.22 -0.26 -14.24
CA MET A 291 -27.97 -0.93 -13.96
C MET A 291 -27.52 -1.80 -15.13
N GLY A 292 -26.21 -1.99 -15.24
CA GLY A 292 -25.68 -2.86 -16.28
C GLY A 292 -26.02 -4.33 -16.03
N VAL A 293 -25.69 -4.82 -14.83
CA VAL A 293 -25.99 -6.19 -14.42
C VAL A 293 -26.68 -6.12 -13.07
N ILE A 294 -27.91 -6.64 -12.99
CA ILE A 294 -28.63 -6.69 -11.72
C ILE A 294 -29.02 -8.13 -11.47
N ALA A 295 -28.57 -8.69 -10.34
CA ALA A 295 -28.84 -10.07 -9.97
C ALA A 295 -29.67 -10.10 -8.70
N GLN A 296 -30.73 -10.91 -8.69
CA GLN A 296 -31.57 -11.07 -7.52
C GLN A 296 -31.85 -12.55 -7.28
N ARG A 297 -31.74 -12.96 -6.02
CA ARG A 297 -32.07 -14.33 -5.57
C ARG A 297 -31.46 -15.40 -6.47
N SER A 298 -30.17 -15.23 -6.80
CA SER A 298 -29.45 -16.11 -7.70
C SER A 298 -28.18 -16.63 -7.05
N HIS A 299 -27.64 -17.71 -7.62
CA HIS A 299 -26.61 -18.51 -6.97
C HIS A 299 -25.46 -18.77 -7.92
N ASN A 300 -24.25 -18.32 -7.55
CA ASN A 300 -23.01 -18.45 -8.33
C ASN A 300 -22.99 -17.58 -9.58
N ILE A 301 -22.31 -16.43 -9.53
CA ILE A 301 -22.25 -15.52 -10.67
C ILE A 301 -20.81 -15.06 -10.84
N THR A 302 -20.32 -15.13 -12.07
CA THR A 302 -18.99 -14.67 -12.46
C THR A 302 -19.12 -13.61 -13.55
N ILE A 303 -18.42 -12.50 -13.37
CA ILE A 303 -18.26 -11.47 -14.39
C ILE A 303 -16.75 -11.27 -14.53
N LYS A 304 -16.20 -11.65 -15.69
CA LYS A 304 -14.75 -11.70 -15.92
C LYS A 304 -14.42 -11.01 -17.24
N ASP A 305 -13.28 -10.30 -17.25
CA ASP A 305 -12.75 -9.66 -18.46
C ASP A 305 -13.80 -8.86 -19.22
N SER A 306 -14.75 -8.27 -18.49
CA SER A 306 -15.82 -7.47 -19.09
C SER A 306 -15.63 -6.00 -18.78
N LYS A 307 -16.45 -5.19 -19.45
CA LYS A 307 -16.30 -3.74 -19.39
C LYS A 307 -17.67 -3.10 -19.27
N VAL A 308 -17.79 -2.18 -18.32
CA VAL A 308 -18.82 -1.17 -18.29
C VAL A 308 -18.11 0.15 -18.57
N SER A 309 -18.38 0.75 -19.74
CA SER A 309 -17.58 1.84 -20.29
C SER A 309 -18.33 2.49 -21.45
N PRO A 310 -18.33 3.82 -21.55
CA PRO A 310 -19.24 4.50 -22.49
C PRO A 310 -18.83 4.26 -23.95
N SER A 311 -19.80 4.44 -24.84
CA SER A 311 -19.49 4.36 -26.26
C SER A 311 -19.16 5.77 -26.77
N LYS A 312 -18.79 5.85 -28.06
CA LYS A 312 -18.21 7.06 -28.63
C LYS A 312 -19.11 8.27 -28.41
N GLY A 313 -18.48 9.40 -28.07
CA GLY A 313 -19.20 10.64 -27.87
C GLY A 313 -19.86 10.79 -26.52
N ARG A 314 -19.67 9.84 -25.61
CA ARG A 314 -20.35 9.83 -24.33
C ARG A 314 -19.32 9.82 -23.21
N ILE A 315 -19.68 10.51 -22.13
CA ILE A 315 -18.88 10.50 -20.91
C ILE A 315 -19.51 9.62 -19.83
N VAL A 316 -20.74 9.16 -20.02
CA VAL A 316 -21.46 8.34 -19.04
C VAL A 316 -21.70 6.96 -19.64
N SER A 317 -21.62 5.92 -18.82
CA SER A 317 -21.90 4.57 -19.29
C SER A 317 -23.32 4.15 -18.92
N THR A 318 -23.51 3.30 -17.90
CA THR A 318 -24.87 2.97 -17.48
C THR A 318 -25.43 4.07 -16.58
N THR A 319 -26.76 4.26 -16.64
CA THR A 319 -27.38 5.36 -15.90
C THR A 319 -27.60 5.03 -14.43
N ALA A 320 -27.23 3.82 -14.00
CA ALA A 320 -27.12 3.48 -12.59
C ALA A 320 -25.93 2.55 -12.36
N ASP A 321 -26.00 1.68 -11.34
CA ASP A 321 -24.83 0.93 -10.93
C ASP A 321 -24.32 0.04 -12.07
N ALA A 322 -23.02 -0.24 -12.05
CA ALA A 322 -22.47 -1.14 -13.05
C ALA A 322 -22.92 -2.58 -12.79
N THR A 323 -22.82 -3.03 -11.53
CA THR A 323 -23.30 -4.36 -11.12
C THR A 323 -23.94 -4.25 -9.75
N HIS A 324 -24.70 -5.29 -9.38
CA HIS A 324 -25.55 -5.21 -8.21
C HIS A 324 -26.17 -6.56 -7.91
N PHE A 325 -26.12 -7.01 -6.66
CA PHE A 325 -26.52 -8.37 -6.31
C PHE A 325 -27.40 -8.31 -5.06
N VAL A 326 -28.61 -8.87 -5.16
CA VAL A 326 -29.61 -8.80 -4.09
C VAL A 326 -29.97 -10.22 -3.67
N ASN A 327 -29.71 -10.57 -2.41
CA ASN A 327 -30.06 -11.88 -1.87
C ASN A 327 -29.47 -13.00 -2.73
N CYS A 328 -28.23 -12.80 -3.16
CA CYS A 328 -27.54 -13.85 -3.90
C CYS A 328 -26.73 -14.75 -2.97
N THR A 329 -26.49 -15.98 -3.43
CA THR A 329 -25.79 -16.98 -2.64
C THR A 329 -24.63 -17.57 -3.45
N GLY A 330 -23.94 -18.54 -2.87
CA GLY A 330 -22.82 -19.14 -3.59
C GLY A 330 -21.64 -18.19 -3.73
N LYS A 331 -21.04 -18.16 -4.91
CA LYS A 331 -19.86 -17.33 -5.15
C LYS A 331 -20.20 -16.23 -6.15
N ILE A 332 -19.90 -14.99 -5.76
CA ILE A 332 -19.94 -13.85 -6.68
C ILE A 332 -18.50 -13.47 -6.98
N LYS A 333 -18.11 -13.58 -8.24
CA LYS A 333 -16.76 -13.28 -8.67
C LYS A 333 -16.79 -12.13 -9.67
N LEU A 334 -16.07 -11.05 -9.37
CA LEU A 334 -15.80 -9.96 -10.31
C LEU A 334 -14.30 -9.94 -10.53
N ILE A 335 -13.87 -10.40 -11.70
CA ILE A 335 -12.47 -10.69 -11.98
C ILE A 335 -12.05 -9.88 -13.20
N ASP A 336 -11.05 -9.02 -13.04
CA ASP A 336 -10.35 -8.39 -14.17
C ASP A 336 -11.28 -7.62 -15.09
N ASN A 337 -12.22 -6.89 -14.51
CA ASN A 337 -13.14 -6.07 -15.27
C ASN A 337 -12.74 -4.61 -15.19
N LEU A 338 -13.29 -3.83 -16.11
CA LEU A 338 -13.27 -2.38 -16.04
C LEU A 338 -14.70 -1.91 -15.78
N PHE A 339 -14.88 -1.12 -14.73
CA PHE A 339 -16.18 -0.52 -14.41
C PHE A 339 -15.97 0.99 -14.37
N GLU A 340 -16.33 1.70 -15.45
CA GLU A 340 -16.06 3.12 -15.46
C GLU A 340 -17.26 3.90 -16.00
N SER A 341 -17.52 5.05 -15.38
CA SER A 341 -18.34 6.15 -15.91
C SER A 341 -19.84 5.96 -15.69
N GLN A 342 -20.25 5.01 -14.83
CA GLN A 342 -21.66 4.81 -14.55
C GLN A 342 -22.13 5.83 -13.51
N LYS A 343 -23.44 6.02 -13.44
CA LYS A 343 -23.93 7.08 -12.56
C LYS A 343 -24.05 6.66 -11.11
N ASP A 344 -23.82 5.39 -10.78
CA ASP A 344 -23.83 4.98 -9.39
C ASP A 344 -22.62 4.12 -9.02
N ASP A 345 -22.80 3.12 -8.17
CA ASP A 345 -21.69 2.36 -7.64
C ASP A 345 -21.21 1.29 -8.64
N ALA A 346 -19.97 0.82 -8.42
CA ALA A 346 -19.43 -0.26 -9.26
C ALA A 346 -20.03 -1.60 -8.87
N THR A 347 -20.18 -1.86 -7.58
CA THR A 347 -20.97 -3.00 -7.15
C THR A 347 -21.54 -2.76 -5.76
N ASN A 348 -22.51 -3.59 -5.42
CA ASN A 348 -23.23 -3.57 -4.15
C ASN A 348 -23.79 -4.98 -4.01
N ILE A 349 -23.40 -5.66 -2.93
CA ILE A 349 -23.80 -7.04 -2.68
C ILE A 349 -24.43 -7.08 -1.29
N HIS A 350 -25.72 -7.39 -1.23
CA HIS A 350 -26.51 -7.09 -0.03
C HIS A 350 -27.80 -7.91 -0.03
N GLY A 351 -28.49 -7.85 1.12
CA GLY A 351 -29.77 -8.49 1.31
C GLY A 351 -30.89 -7.46 1.36
N VAL A 352 -32.10 -7.97 1.60
CA VAL A 352 -33.32 -7.18 1.73
C VAL A 352 -33.81 -7.26 3.18
N TYR A 353 -34.09 -6.10 3.77
CA TYR A 353 -34.90 -5.99 4.98
C TYR A 353 -36.33 -5.66 4.55
N ALA A 354 -37.30 -6.27 5.22
CA ALA A 354 -38.71 -5.87 5.05
C ALA A 354 -39.27 -5.48 6.41
N ALA A 355 -39.90 -4.31 6.49
CA ALA A 355 -40.39 -3.81 7.77
C ALA A 355 -41.56 -4.65 8.29
N ILE A 356 -41.64 -4.80 9.61
CA ILE A 356 -42.80 -5.38 10.29
C ILE A 356 -43.86 -4.30 10.36
N ASP A 357 -44.85 -4.40 9.46
CA ASP A 357 -45.86 -3.38 9.32
C ASP A 357 -47.02 -3.57 10.29
N LYS A 358 -47.46 -4.80 10.50
CA LYS A 358 -48.57 -5.08 11.41
C LYS A 358 -48.25 -6.32 12.22
N ILE A 359 -48.47 -6.25 13.52
CA ILE A 359 -48.39 -7.45 14.38
C ILE A 359 -49.79 -8.05 14.49
N ILE A 360 -49.96 -9.28 13.97
CA ILE A 360 -51.28 -9.91 13.92
C ILE A 360 -51.58 -10.62 15.23
N ASP A 361 -50.68 -11.50 15.66
CA ASP A 361 -50.80 -12.21 16.93
C ASP A 361 -49.40 -12.55 17.40
N ASP A 362 -49.29 -13.37 18.44
CA ASP A 362 -48.00 -13.60 19.06
C ASP A 362 -47.05 -14.31 18.11
N LYS A 363 -47.58 -14.89 17.02
CA LYS A 363 -46.80 -15.67 16.09
C LYS A 363 -46.75 -15.08 14.69
N THR A 364 -47.57 -14.06 14.40
CA THR A 364 -47.87 -13.65 13.02
C THR A 364 -47.71 -12.14 12.83
N VAL A 365 -47.05 -11.76 11.75
CA VAL A 365 -46.89 -10.36 11.37
C VAL A 365 -47.12 -10.25 9.88
N GLU A 366 -47.29 -9.01 9.42
CA GLU A 366 -47.28 -8.72 8.01
C GLU A 366 -46.06 -7.86 7.72
N ILE A 367 -45.25 -8.29 6.80
CA ILE A 367 -44.09 -7.51 6.41
C ILE A 367 -44.47 -6.74 5.17
N LYS A 368 -43.84 -5.58 4.99
CA LYS A 368 -44.13 -4.72 3.85
C LYS A 368 -42.79 -4.26 3.29
N LEU A 369 -42.61 -4.47 2.00
CA LEU A 369 -41.48 -3.89 1.29
C LEU A 369 -41.58 -2.36 1.29
N GLN A 370 -40.46 -1.70 1.54
CA GLN A 370 -40.51 -0.28 1.90
C GLN A 370 -40.13 0.64 0.76
N HIS A 371 -39.06 0.33 0.06
CA HIS A 371 -38.64 1.20 -1.03
C HIS A 371 -39.35 0.81 -2.33
N PRO A 372 -39.81 1.79 -3.12
CA PRO A 372 -40.58 1.46 -4.34
C PRO A 372 -39.88 0.47 -5.26
N GLN A 373 -38.57 0.59 -5.40
CA GLN A 373 -37.89 -0.33 -6.30
C GLN A 373 -37.61 -1.68 -5.64
N GLN A 374 -38.19 -1.93 -4.46
CA GLN A 374 -38.21 -3.26 -3.88
C GLN A 374 -39.55 -3.96 -4.01
N PHE A 375 -40.60 -3.26 -4.39
CA PHE A 375 -41.91 -3.91 -4.45
C PHE A 375 -41.83 -5.10 -5.40
N GLY A 376 -42.62 -6.12 -5.11
CA GLY A 376 -42.64 -7.31 -5.93
C GLY A 376 -41.49 -8.25 -5.68
N PHE A 377 -40.62 -7.95 -4.73
CA PHE A 377 -39.49 -8.80 -4.36
C PHE A 377 -39.97 -9.84 -3.35
N ASP A 378 -40.27 -11.04 -3.83
CA ASP A 378 -40.75 -12.11 -2.97
C ASP A 378 -39.55 -12.92 -2.49
N PHE A 379 -39.48 -13.17 -1.19
CA PHE A 379 -38.34 -13.95 -0.71
C PHE A 379 -38.59 -14.76 0.54
N ILE A 380 -39.77 -14.72 1.13
CA ILE A 380 -40.07 -15.44 2.38
C ILE A 380 -40.99 -16.60 2.05
N ALA A 381 -40.58 -17.80 2.45
CA ALA A 381 -41.29 -19.04 2.18
C ALA A 381 -41.22 -19.90 3.43
N PRO A 382 -42.14 -20.86 3.60
CA PRO A 382 -42.06 -21.79 4.74
C PRO A 382 -40.70 -22.48 4.82
N GLU A 383 -40.28 -22.81 6.05
CA GLU A 383 -38.97 -23.38 6.40
C GLU A 383 -37.84 -22.35 6.35
N ASP A 384 -38.06 -21.18 5.77
CA ASP A 384 -37.04 -20.13 5.84
C ASP A 384 -36.82 -19.69 7.27
N GLU A 385 -35.57 -19.37 7.56
CA GLU A 385 -35.21 -18.72 8.81
C GLU A 385 -35.03 -17.24 8.57
N LEU A 386 -35.62 -16.41 9.41
CA LEU A 386 -35.52 -14.96 9.28
C LEU A 386 -34.82 -14.38 10.50
N GLU A 387 -34.02 -13.33 10.27
CA GLU A 387 -33.54 -12.48 11.36
C GLU A 387 -34.62 -11.48 11.75
N LEU A 388 -34.90 -11.35 13.05
CA LEU A 388 -35.78 -10.30 13.57
C LEU A 388 -34.91 -9.19 14.15
N VAL A 389 -34.99 -7.99 13.57
CA VAL A 389 -33.98 -6.96 13.76
C VAL A 389 -34.61 -5.68 14.27
N HIS A 390 -34.00 -5.10 15.30
CA HIS A 390 -34.38 -3.79 15.77
C HIS A 390 -33.96 -2.73 14.77
N GLY A 391 -34.90 -1.86 14.39
CA GLY A 391 -34.68 -0.99 13.25
C GLY A 391 -33.60 0.05 13.48
N ALA A 392 -33.63 0.74 14.62
CA ALA A 392 -32.71 1.84 14.82
C ALA A 392 -31.30 1.39 15.17
N SER A 393 -31.13 0.13 15.57
CA SER A 393 -29.83 -0.37 15.97
C SER A 393 -29.25 -1.41 15.03
N LEU A 394 -30.08 -2.03 14.18
CA LEU A 394 -29.65 -3.12 13.31
C LEU A 394 -29.10 -4.28 14.13
N ILE A 395 -29.56 -4.40 15.37
CA ILE A 395 -29.20 -5.52 16.24
C ILE A 395 -30.28 -6.58 16.11
N THR A 396 -29.88 -7.84 16.01
CA THR A 396 -30.81 -8.94 15.82
C THR A 396 -31.34 -9.43 17.16
N TYR A 397 -32.66 -9.34 17.34
CA TYR A 397 -33.29 -9.90 18.53
C TYR A 397 -33.14 -11.41 18.57
N GLU A 398 -33.48 -12.09 17.47
CA GLU A 398 -33.49 -13.55 17.39
C GLU A 398 -33.58 -13.95 15.93
N THR A 399 -33.44 -15.25 15.69
CA THR A 399 -33.89 -15.84 14.45
C THR A 399 -35.11 -16.72 14.74
N ASN A 400 -35.97 -16.87 13.76
CA ASN A 400 -37.22 -17.59 13.92
C ASN A 400 -37.57 -18.18 12.57
N LYS A 401 -38.15 -19.39 12.57
CA LYS A 401 -38.46 -20.08 11.33
C LYS A 401 -39.89 -19.81 10.86
N VAL A 402 -40.06 -19.67 9.55
CA VAL A 402 -41.38 -19.42 8.96
C VAL A 402 -42.11 -20.73 8.77
N VAL A 403 -43.39 -20.77 9.16
CA VAL A 403 -44.27 -21.89 8.81
C VAL A 403 -45.36 -21.48 7.83
N THR A 404 -45.60 -20.19 7.64
CA THR A 404 -46.63 -19.76 6.71
C THR A 404 -46.15 -18.46 6.09
N SER A 405 -46.24 -18.38 4.77
CA SER A 405 -45.97 -17.15 4.03
C SER A 405 -47.11 -16.93 3.06
N THR A 406 -47.77 -15.78 3.15
CA THR A 406 -48.92 -15.50 2.30
C THR A 406 -48.73 -14.13 1.66
N ARG A 407 -48.42 -14.13 0.37
CA ARG A 407 -48.26 -12.91 -0.40
C ARG A 407 -49.61 -12.23 -0.59
N VAL A 408 -49.76 -11.03 -0.05
CA VAL A 408 -51.00 -10.29 -0.23
C VAL A 408 -50.96 -9.36 -1.45
N SER A 409 -49.79 -8.83 -1.78
CA SER A 409 -49.66 -7.81 -2.83
C SER A 409 -48.19 -7.70 -3.17
N ASN A 410 -47.85 -6.75 -4.03
CA ASN A 410 -46.43 -6.54 -4.32
C ASN A 410 -45.75 -5.73 -3.23
N GLU A 411 -46.45 -5.53 -2.11
CA GLU A 411 -45.88 -4.88 -0.95
C GLU A 411 -45.91 -5.73 0.30
N VAL A 412 -47.03 -6.41 0.56
CA VAL A 412 -47.33 -7.00 1.87
C VAL A 412 -47.35 -8.52 1.76
N THR A 413 -46.70 -9.17 2.72
CA THR A 413 -46.74 -10.61 2.89
C THR A 413 -47.02 -10.93 4.33
N ARG A 414 -47.89 -11.90 4.57
CA ARG A 414 -48.21 -12.35 5.92
C ARG A 414 -47.35 -13.54 6.30
N VAL A 415 -46.65 -13.43 7.43
CA VAL A 415 -45.67 -14.42 7.86
C VAL A 415 -46.05 -14.92 9.24
N GLN A 416 -46.11 -16.23 9.38
CA GLN A 416 -46.36 -16.88 10.67
C GLN A 416 -45.14 -17.73 11.04
N PHE A 417 -44.74 -17.64 12.31
CA PHE A 417 -43.54 -18.32 12.78
C PHE A 417 -43.89 -19.61 13.51
N ILE A 418 -42.86 -20.42 13.71
CA ILE A 418 -43.03 -21.71 14.38
C ILE A 418 -43.25 -21.51 15.87
N LYS A 419 -42.70 -20.45 16.44
CA LYS A 419 -42.82 -20.14 17.86
C LYS A 419 -43.12 -18.65 17.98
N PRO A 420 -43.70 -18.22 19.11
CA PRO A 420 -43.96 -16.79 19.26
C PRO A 420 -42.65 -16.02 19.18
N PHE A 421 -42.68 -14.88 18.48
CA PHE A 421 -41.47 -14.11 18.28
C PHE A 421 -41.15 -13.29 19.53
N ASP A 422 -39.90 -12.85 19.62
CA ASP A 422 -39.40 -12.07 20.74
C ASP A 422 -40.33 -10.92 21.10
N SER A 423 -40.71 -10.84 22.38
CA SER A 423 -41.69 -9.86 22.83
C SER A 423 -41.20 -8.41 22.74
N ARG A 424 -39.91 -8.19 22.50
CA ARG A 424 -39.44 -6.82 22.32
C ARG A 424 -39.71 -6.29 20.92
N ILE A 425 -40.11 -7.13 19.99
CA ILE A 425 -40.30 -6.72 18.60
C ILE A 425 -41.47 -5.74 18.51
N LYS A 426 -41.26 -4.64 17.78
CA LYS A 426 -42.27 -3.63 17.52
C LYS A 426 -42.57 -3.56 16.03
N GLU A 427 -43.76 -3.06 15.71
CA GLU A 427 -44.00 -2.55 14.37
C GLU A 427 -42.98 -1.47 14.07
N GLY A 428 -42.42 -1.51 12.86
CA GLY A 428 -41.33 -0.64 12.51
C GLY A 428 -39.98 -1.31 12.55
N ASP A 429 -39.85 -2.45 13.24
CA ASP A 429 -38.66 -3.28 13.13
C ASP A 429 -38.69 -3.97 11.76
N SER A 430 -37.74 -4.89 11.53
CA SER A 430 -37.58 -5.46 10.19
C SER A 430 -37.21 -6.93 10.27
N VAL A 431 -37.38 -7.62 9.14
CA VAL A 431 -36.88 -8.98 8.98
C VAL A 431 -35.97 -9.04 7.77
N SER A 432 -35.10 -10.03 7.79
CA SER A 432 -34.30 -10.39 6.63
C SER A 432 -34.13 -11.90 6.68
N LYS A 433 -34.00 -12.50 5.50
CA LYS A 433 -33.86 -13.95 5.43
C LYS A 433 -32.44 -14.35 5.76
N VAL A 434 -32.29 -15.37 6.62
CA VAL A 434 -30.98 -16.00 6.83
C VAL A 434 -30.63 -16.80 5.59
N ARG A 435 -29.48 -16.50 5.00
CA ARG A 435 -29.07 -17.08 3.74
C ARG A 435 -27.67 -17.68 3.89
N SER A 436 -27.33 -18.54 2.95
CA SER A 436 -25.93 -18.87 2.65
C SER A 436 -25.33 -17.68 1.91
N TYR A 437 -24.97 -16.66 2.69
CA TYR A 437 -24.54 -15.39 2.12
C TYR A 437 -23.39 -15.59 1.14
N ALA A 438 -23.44 -14.84 0.05
CA ALA A 438 -22.51 -15.03 -1.05
C ALA A 438 -21.07 -14.85 -0.57
N GLU A 439 -20.23 -15.78 -0.98
CA GLU A 439 -18.79 -15.57 -0.92
C GLU A 439 -18.39 -14.61 -2.03
N VAL A 440 -17.68 -13.55 -1.68
CA VAL A 440 -17.38 -12.46 -2.60
C VAL A 440 -15.88 -12.43 -2.90
N ILE A 441 -15.55 -12.48 -4.18
CA ILE A 441 -14.17 -12.41 -4.67
C ILE A 441 -14.16 -11.33 -5.73
N ILE A 442 -13.53 -10.21 -5.45
CA ILE A 442 -13.49 -9.07 -6.35
C ILE A 442 -12.01 -8.77 -6.57
N LYS A 443 -11.48 -9.14 -7.73
CA LYS A 443 -10.04 -9.00 -7.91
C LYS A 443 -9.72 -8.52 -9.32
N GLY A 444 -8.71 -7.65 -9.40
CA GLY A 444 -8.18 -7.22 -10.68
C GLY A 444 -9.02 -6.20 -11.41
N ASN A 445 -9.93 -5.54 -10.75
CA ASN A 445 -10.83 -4.63 -11.44
C ASN A 445 -10.31 -3.21 -11.40
N ILE A 446 -10.70 -2.43 -12.39
CA ILE A 446 -10.43 -0.99 -12.44
C ILE A 446 -11.76 -0.29 -12.21
N ILE A 447 -11.82 0.61 -11.22
CA ILE A 447 -13.05 1.28 -10.82
C ILE A 447 -12.78 2.78 -10.85
N ARG A 448 -13.39 3.50 -11.79
CA ARG A 448 -13.02 4.90 -11.92
C ARG A 448 -14.07 5.64 -12.72
N LYS A 449 -14.09 6.95 -12.53
CA LYS A 449 -14.83 7.92 -13.32
C LYS A 449 -16.33 7.80 -13.13
N ASN A 450 -16.81 6.85 -12.33
CA ASN A 450 -18.23 6.78 -12.05
C ASN A 450 -18.61 7.94 -11.14
N ARG A 451 -19.90 8.07 -10.85
CA ARG A 451 -20.35 9.22 -10.08
C ARG A 451 -20.27 9.03 -8.57
N ALA A 452 -20.59 7.85 -8.06
CA ALA A 452 -20.86 7.67 -6.63
C ALA A 452 -19.71 6.88 -6.00
N ARG A 453 -20.00 5.80 -5.29
CA ARG A 453 -19.07 5.01 -4.53
C ARG A 453 -18.40 3.97 -5.43
N GLY A 454 -17.36 3.34 -4.92
CA GLY A 454 -16.78 2.21 -5.60
C GLY A 454 -17.57 0.94 -5.35
N MET A 455 -17.45 0.38 -4.14
CA MET A 455 -18.11 -0.86 -3.75
C MET A 455 -18.85 -0.66 -2.43
N LEU A 456 -20.13 -1.05 -2.40
CA LEU A 456 -20.86 -1.18 -1.16
C LEU A 456 -20.70 -2.61 -0.68
N LEU A 457 -19.92 -2.82 0.38
CA LEU A 457 -19.65 -4.16 0.87
C LEU A 457 -20.65 -4.45 1.97
N ASN A 458 -21.83 -4.88 1.56
CA ASN A 458 -22.88 -5.32 2.48
C ASN A 458 -22.96 -6.84 2.51
N SER A 459 -21.84 -7.50 2.22
CA SER A 459 -21.74 -8.94 2.09
C SER A 459 -21.35 -9.52 3.44
N ARG A 460 -22.30 -10.24 4.08
CA ARG A 460 -21.98 -10.95 5.32
C ARG A 460 -21.15 -12.21 5.09
N GLY A 461 -21.12 -12.75 3.88
CA GLY A 461 -20.28 -13.90 3.63
C GLY A 461 -18.81 -13.50 3.48
N LYS A 462 -17.95 -14.52 3.41
CA LYS A 462 -16.51 -14.29 3.27
C LYS A 462 -16.24 -13.41 2.05
N THR A 463 -15.56 -12.29 2.27
CA THR A 463 -15.34 -11.31 1.21
C THR A 463 -13.85 -11.04 1.03
N LEU A 464 -13.40 -11.05 -0.23
CA LEU A 464 -12.02 -10.77 -0.60
C LEU A 464 -12.00 -9.66 -1.65
N ILE A 465 -11.33 -8.55 -1.33
CA ILE A 465 -11.16 -7.41 -2.23
C ILE A 465 -9.66 -7.30 -2.45
N GLU A 466 -9.18 -7.75 -3.60
CA GLU A 466 -7.75 -7.89 -3.85
C GLU A 466 -7.36 -7.31 -5.22
N ASN A 467 -6.31 -6.50 -5.24
CA ASN A 467 -5.66 -6.08 -6.48
C ASN A 467 -6.61 -5.30 -7.39
N ASN A 468 -7.43 -4.45 -6.79
CA ASN A 468 -8.27 -3.54 -7.57
C ASN A 468 -7.66 -2.14 -7.53
N TYR A 469 -8.03 -1.33 -8.52
CA TYR A 469 -7.70 0.09 -8.60
C TYR A 469 -8.97 0.91 -8.41
N PHE A 470 -8.94 1.88 -7.50
CA PHE A 470 -10.09 2.71 -7.19
C PHE A 470 -9.76 4.17 -7.48
N HIS A 471 -10.58 4.82 -8.30
CA HIS A 471 -10.52 6.28 -8.40
C HIS A 471 -11.96 6.77 -8.46
N THR A 472 -12.56 6.98 -7.28
CA THR A 472 -13.98 7.29 -7.18
C THR A 472 -14.22 8.67 -6.56
N PRO A 473 -15.27 9.37 -6.96
CA PRO A 473 -15.61 10.63 -6.27
C PRO A 473 -16.14 10.39 -4.87
N GLY A 474 -16.92 9.33 -4.67
CA GLY A 474 -17.41 8.97 -3.36
C GLY A 474 -16.42 8.05 -2.66
N SER A 475 -16.90 7.44 -1.58
CA SER A 475 -16.10 6.44 -0.88
C SER A 475 -15.72 5.33 -1.86
N ALA A 476 -14.47 4.92 -1.82
CA ALA A 476 -14.08 3.78 -2.64
C ALA A 476 -14.78 2.51 -2.15
N ILE A 477 -14.88 2.35 -0.83
CA ILE A 477 -15.48 1.18 -0.20
C ILE A 477 -16.34 1.66 0.96
N LEU A 478 -17.63 1.29 0.93
CA LEU A 478 -18.60 1.76 1.91
C LEU A 478 -19.34 0.55 2.50
N PHE A 479 -19.32 0.44 3.83
CA PHE A 479 -20.19 -0.48 4.56
C PHE A 479 -21.47 0.29 4.89
N GLU A 480 -22.60 -0.09 4.27
CA GLU A 480 -23.83 0.70 4.43
C GLU A 480 -24.90 -0.20 5.04
N GLY A 481 -26.03 -0.40 4.37
CA GLY A 481 -27.14 -1.09 4.99
C GLY A 481 -27.95 -0.15 5.88
N ASP A 482 -29.26 -0.37 5.95
CA ASP A 482 -30.11 0.36 6.88
C ASP A 482 -31.47 -0.32 6.89
N ALA A 483 -32.25 -0.02 7.91
CA ALA A 483 -33.62 -0.48 8.03
C ALA A 483 -34.55 0.70 8.24
N ASN A 484 -34.37 1.75 7.42
CA ASN A 484 -35.18 2.95 7.57
C ASN A 484 -35.43 3.64 6.23
N PHE A 485 -34.64 3.33 5.20
CA PHE A 485 -34.88 3.97 3.90
C PHE A 485 -34.68 3.04 2.71
N TRP A 486 -33.41 2.71 2.41
CA TRP A 486 -33.12 1.70 1.40
C TRP A 486 -33.55 0.30 1.83
N PHE A 487 -33.58 0.03 3.13
CA PHE A 487 -33.91 -1.27 3.68
C PHE A 487 -33.07 -2.37 3.03
N GLU A 488 -31.76 -2.22 3.20
CA GLU A 488 -30.79 -3.16 2.66
C GLU A 488 -30.02 -3.77 3.81
N GLN A 489 -29.99 -5.10 3.86
CA GLN A 489 -29.24 -5.82 4.88
C GLN A 489 -27.76 -5.90 4.52
N GLY A 490 -26.91 -5.46 5.42
CA GLY A 490 -25.48 -5.60 5.26
C GLY A 490 -24.90 -6.28 6.48
N GLY A 491 -23.76 -5.75 6.95
CA GLY A 491 -23.10 -6.26 8.14
C GLY A 491 -22.11 -7.37 7.84
N VAL A 492 -20.84 -7.00 7.67
CA VAL A 492 -19.85 -7.98 7.25
C VAL A 492 -19.37 -8.81 8.45
N SER A 493 -18.90 -10.01 8.14
CA SER A 493 -18.34 -10.86 9.16
C SER A 493 -16.93 -11.35 8.84
N ASP A 494 -16.42 -11.12 7.62
CA ASP A 494 -15.14 -11.67 7.22
C ASP A 494 -14.68 -11.01 5.92
N VAL A 495 -13.92 -9.94 6.04
CA VAL A 495 -13.54 -9.11 4.90
C VAL A 495 -12.02 -8.98 4.88
N THR A 496 -11.42 -9.17 3.71
CA THR A 496 -10.01 -8.90 3.49
C THR A 496 -9.90 -7.94 2.31
N ILE A 497 -9.28 -6.79 2.55
CA ILE A 497 -9.02 -5.77 1.53
C ILE A 497 -7.51 -5.67 1.43
N LYS A 498 -6.92 -6.31 0.41
CA LYS A 498 -5.47 -6.47 0.32
C LYS A 498 -4.96 -6.11 -1.07
N ASN A 499 -3.82 -5.41 -1.08
CA ASN A 499 -3.04 -5.15 -2.30
C ASN A 499 -3.86 -4.39 -3.35
N ASN A 500 -4.63 -3.42 -2.89
CA ASN A 500 -5.38 -2.52 -3.76
C ASN A 500 -4.66 -1.18 -3.84
N VAL A 501 -4.90 -0.46 -4.92
CA VAL A 501 -4.50 0.94 -5.03
C VAL A 501 -5.77 1.80 -5.02
N PHE A 502 -5.81 2.77 -4.11
CA PHE A 502 -6.86 3.79 -4.01
C PHE A 502 -6.19 5.10 -4.40
N GLU A 503 -6.44 5.59 -5.60
CA GLU A 503 -5.75 6.77 -6.07
C GLU A 503 -6.71 7.96 -6.05
N ASN A 504 -6.43 8.91 -5.16
CA ASN A 504 -7.23 10.12 -5.02
C ASN A 504 -8.71 9.79 -5.05
N SER A 505 -9.09 8.73 -4.34
CA SER A 505 -10.49 8.39 -4.22
C SER A 505 -11.13 9.25 -3.13
N PHE A 506 -12.45 9.30 -3.14
CA PHE A 506 -13.25 10.18 -2.30
C PHE A 506 -12.79 11.64 -2.42
N TYR A 507 -12.87 12.17 -3.64
CA TYR A 507 -12.53 13.57 -3.86
C TYR A 507 -13.73 14.48 -3.89
N SER A 508 -14.94 13.97 -3.74
CA SER A 508 -16.15 14.78 -3.77
C SER A 508 -16.54 15.28 -2.38
N GLN A 509 -17.59 16.10 -2.35
CA GLN A 509 -18.12 16.64 -1.10
C GLN A 509 -19.08 15.69 -0.40
N TRP A 510 -19.50 14.61 -1.06
CA TRP A 510 -20.49 13.67 -0.53
C TRP A 510 -19.80 12.37 -0.15
N GLY A 511 -19.71 12.11 1.15
CA GLY A 511 -19.11 10.88 1.65
C GLY A 511 -18.48 11.13 3.01
N LYS A 512 -17.99 10.03 3.60
CA LYS A 512 -17.41 10.14 4.93
C LYS A 512 -15.96 9.70 4.99
N GLY A 513 -15.39 9.24 3.88
CA GLY A 513 -14.02 8.80 3.89
C GLY A 513 -13.75 7.90 2.70
N ILE A 514 -12.48 7.54 2.55
CA ILE A 514 -12.09 6.63 1.48
C ILE A 514 -12.70 5.25 1.73
N ILE A 515 -12.53 4.73 2.94
CA ILE A 515 -13.17 3.48 3.37
C ILE A 515 -14.01 3.82 4.60
N ALA A 516 -15.33 3.69 4.49
CA ALA A 516 -16.22 4.24 5.50
C ALA A 516 -17.38 3.29 5.83
N VAL A 517 -17.86 3.43 7.07
CA VAL A 517 -19.09 2.84 7.54
C VAL A 517 -20.19 3.91 7.53
N ASP A 518 -21.31 3.62 6.89
CA ASP A 518 -22.46 4.52 6.97
C ASP A 518 -23.75 3.72 7.17
N ALA A 519 -23.67 2.66 7.97
CA ALA A 519 -24.85 1.89 8.32
C ALA A 519 -25.89 2.77 9.01
N GLY A 520 -27.16 2.41 8.84
CA GLY A 520 -28.27 3.14 9.44
C GLY A 520 -28.43 2.85 10.92
N ILE A 521 -27.42 3.19 11.72
CA ILE A 521 -27.46 2.96 13.15
C ILE A 521 -27.55 4.32 13.84
N ASP A 522 -28.66 4.56 14.53
CA ASP A 522 -28.84 5.82 15.26
C ASP A 522 -27.72 6.02 16.26
N ASP A 523 -27.37 7.30 16.48
CA ASP A 523 -26.30 7.64 17.41
C ASP A 523 -26.45 6.91 18.73
N LYS A 524 -27.65 6.88 19.30
CA LYS A 524 -27.81 6.29 20.62
C LYS A 524 -27.58 4.79 20.65
N PHE A 525 -27.52 4.11 19.51
CA PHE A 525 -27.23 2.69 19.52
C PHE A 525 -25.86 2.34 18.98
N LYS A 526 -25.08 3.34 18.52
CA LYS A 526 -23.79 3.04 17.92
C LYS A 526 -22.87 2.33 18.91
N GLU A 527 -23.00 2.65 20.20
CA GLU A 527 -22.11 2.09 21.21
C GLU A 527 -22.39 0.61 21.45
N THR A 528 -23.63 0.16 21.28
CA THR A 528 -23.95 -1.25 21.56
C THR A 528 -24.04 -2.11 20.30
N SER A 529 -24.27 -1.52 19.13
CA SER A 529 -24.36 -2.29 17.90
C SER A 529 -22.96 -2.51 17.32
N ARG A 530 -22.63 -3.76 17.00
CA ARG A 530 -21.41 -4.11 16.28
C ARG A 530 -21.86 -4.84 15.02
N TYR A 531 -22.23 -4.05 14.00
CA TYR A 531 -22.82 -4.55 12.76
C TYR A 531 -21.79 -5.12 11.80
N ASN A 532 -20.56 -4.61 11.81
CA ASN A 532 -19.50 -5.06 10.92
C ASN A 532 -18.34 -5.56 11.76
N LYS A 533 -17.83 -6.74 11.42
CA LYS A 533 -16.85 -7.43 12.24
C LYS A 533 -15.81 -8.10 11.35
N ASN A 534 -14.58 -8.13 11.84
CA ASN A 534 -13.50 -8.96 11.30
C ASN A 534 -13.05 -8.50 9.94
N ILE A 535 -12.41 -7.34 9.90
CA ILE A 535 -11.95 -6.73 8.66
C ILE A 535 -10.43 -6.59 8.71
N VAL A 536 -9.75 -7.07 7.67
CA VAL A 536 -8.32 -6.90 7.52
C VAL A 536 -8.06 -6.00 6.32
N ILE A 537 -7.25 -4.96 6.52
CA ILE A 537 -6.88 -4.02 5.47
C ILE A 537 -5.36 -3.94 5.44
N LYS A 538 -4.74 -4.64 4.48
CA LYS A 538 -3.31 -4.77 4.44
C LYS A 538 -2.79 -4.67 3.01
N GLY A 539 -1.53 -4.23 2.90
CA GLY A 539 -0.80 -4.24 1.65
C GLY A 539 -1.32 -3.32 0.58
N ASN A 540 -2.23 -2.41 0.92
CA ASN A 540 -2.76 -1.44 -0.03
C ASN A 540 -1.88 -0.20 -0.08
N THR A 541 -1.97 0.49 -1.20
CA THR A 541 -1.39 1.82 -1.39
C THR A 541 -2.53 2.81 -1.48
N PHE A 542 -2.51 3.83 -0.62
CA PHE A 542 -3.47 4.93 -0.61
C PHE A 542 -2.73 6.18 -1.07
N LYS A 543 -3.05 6.67 -2.24
CA LYS A 543 -2.52 7.94 -2.72
C LYS A 543 -3.61 8.97 -2.49
N VAL A 544 -3.35 9.88 -1.55
CA VAL A 544 -4.36 10.82 -1.06
C VAL A 544 -3.86 12.24 -1.27
N PHE A 545 -4.79 13.14 -1.60
CA PHE A 545 -4.43 14.52 -1.88
C PHE A 545 -4.63 15.45 -0.69
N ASP A 546 -5.39 15.04 0.32
CA ASP A 546 -5.58 15.86 1.52
C ASP A 546 -5.71 14.92 2.72
N LYS A 547 -6.25 15.41 3.82
CA LYS A 547 -6.31 14.65 5.06
C LYS A 547 -7.74 14.21 5.42
N ALA A 548 -8.56 13.91 4.42
CA ALA A 548 -9.84 13.26 4.66
C ALA A 548 -9.62 11.86 5.22
N PRO A 549 -10.64 11.26 5.84
CA PRO A 549 -10.44 9.95 6.46
C PRO A 549 -10.11 8.87 5.43
N ILE A 550 -9.03 8.13 5.70
CA ILE A 550 -8.81 6.86 5.03
C ILE A 550 -9.77 5.80 5.58
N LEU A 551 -9.95 5.79 6.91
CA LEU A 551 -10.95 4.97 7.59
C LEU A 551 -11.84 5.88 8.41
N ASN A 552 -13.15 5.75 8.22
CA ASN A 552 -14.14 6.43 9.04
C ASN A 552 -15.11 5.35 9.52
N LEU A 553 -14.88 4.86 10.75
CA LEU A 553 -15.54 3.67 11.27
C LEU A 553 -16.44 4.01 12.46
N PHE A 554 -17.60 3.34 12.52
CA PHE A 554 -18.34 3.23 13.77
C PHE A 554 -19.00 1.86 13.82
N SER A 555 -19.21 1.36 15.03
CA SER A 555 -19.91 0.10 15.28
C SER A 555 -19.21 -1.07 14.61
N VAL A 556 -17.89 -1.00 14.58
CA VAL A 556 -17.03 -2.07 14.08
C VAL A 556 -16.37 -2.78 15.25
N SER A 557 -16.28 -4.11 15.14
CA SER A 557 -15.49 -4.90 16.05
C SER A 557 -14.42 -5.67 15.27
N ASN A 558 -13.17 -5.54 15.71
CA ASN A 558 -12.04 -6.30 15.22
C ASN A 558 -11.62 -5.93 13.80
N LEU A 559 -10.90 -4.82 13.66
CA LEU A 559 -10.35 -4.38 12.38
C LEU A 559 -8.86 -4.11 12.53
N VAL A 560 -8.09 -4.64 11.59
CA VAL A 560 -6.64 -4.48 11.58
C VAL A 560 -6.26 -3.77 10.29
N PHE A 561 -5.59 -2.62 10.43
CA PHE A 561 -5.07 -1.81 9.32
C PHE A 561 -3.54 -1.83 9.42
N GLU A 562 -2.89 -2.63 8.57
CA GLU A 562 -1.44 -2.81 8.69
C GLU A 562 -0.79 -2.97 7.32
N ASN A 563 0.52 -2.76 7.31
CA ASN A 563 1.39 -2.91 6.13
C ASN A 563 0.84 -2.19 4.91
N ASN A 564 0.26 -1.02 5.13
CA ASN A 564 -0.20 -0.19 4.03
C ASN A 564 0.81 0.91 3.77
N ILE A 565 0.78 1.41 2.55
CA ILE A 565 1.56 2.56 2.14
C ILE A 565 0.59 3.69 1.91
N ILE A 566 0.84 4.82 2.55
CA ILE A 566 0.06 6.03 2.38
C ILE A 566 0.98 7.11 1.84
N GLU A 567 0.56 7.77 0.77
CA GLU A 567 1.45 8.65 0.03
C GLU A 567 0.69 9.91 -0.36
N LYS A 568 1.20 11.06 0.08
CA LYS A 568 0.52 12.33 -0.18
C LYS A 568 0.69 12.74 -1.62
N THR A 569 -0.36 13.35 -2.20
CA THR A 569 -0.35 13.90 -3.56
C THR A 569 -0.89 15.32 -3.54
N THR A 570 -0.93 15.94 -4.72
CA THR A 570 -1.53 17.26 -4.87
C THR A 570 -2.56 17.27 -6.02
N GLU A 571 -3.22 16.13 -6.24
CA GLU A 571 -4.09 15.98 -7.41
C GLU A 571 -5.23 16.98 -7.41
N TYR A 572 -5.86 17.20 -6.26
CA TYR A 572 -6.95 18.13 -6.11
C TYR A 572 -6.66 19.09 -4.97
N PRO A 573 -7.24 20.29 -4.99
CA PRO A 573 -7.09 21.20 -3.84
C PRO A 573 -7.46 20.53 -2.53
N GLU A 574 -6.72 20.87 -1.48
CA GLU A 574 -6.99 20.28 -0.18
C GLU A 574 -8.27 20.86 0.40
N ARG A 575 -9.06 19.98 1.03
CA ARG A 575 -10.29 20.38 1.70
C ARG A 575 -9.96 20.68 3.17
N LYS A 576 -10.07 21.95 3.56
CA LYS A 576 -9.70 22.33 4.92
C LYS A 576 -10.58 21.71 5.98
N LYS A 577 -11.71 21.11 5.58
CA LYS A 577 -12.66 20.52 6.53
C LYS A 577 -12.08 19.32 7.26
N TYR A 578 -11.10 18.65 6.65
CA TYR A 578 -10.54 17.39 7.15
C TYR A 578 -9.13 17.57 7.67
N ASN A 579 -8.85 16.99 8.82
CA ASN A 579 -7.49 16.89 9.32
C ASN A 579 -7.32 15.61 10.13
N SER A 580 -7.74 14.48 9.56
CA SER A 580 -7.61 13.21 10.27
C SER A 580 -7.78 12.07 9.29
N LEU A 581 -6.77 11.21 9.20
CA LEU A 581 -6.82 10.06 8.32
C LEU A 581 -7.60 8.90 8.90
N PHE A 582 -7.90 8.93 10.20
CA PHE A 582 -8.49 7.80 10.92
C PHE A 582 -9.48 8.33 11.94
N VAL A 583 -10.76 8.26 11.59
CA VAL A 583 -11.88 8.66 12.44
C VAL A 583 -12.56 7.39 12.96
N ILE A 584 -12.48 7.17 14.27
CA ILE A 584 -13.00 5.96 14.89
C ILE A 584 -13.93 6.34 16.05
N ASN A 585 -15.13 5.77 16.05
CA ASN A 585 -16.14 5.96 17.08
C ASN A 585 -16.81 4.62 17.36
N ASN A 586 -17.16 4.38 18.62
CA ASN A 586 -18.03 3.27 19.04
C ASN A 586 -17.60 1.95 18.41
N SER A 587 -16.31 1.66 18.50
CA SER A 587 -15.78 0.43 17.96
C SER A 587 -14.90 -0.22 19.02
N ASP A 588 -14.47 -1.45 18.74
CA ASP A 588 -13.57 -2.15 19.64
C ASP A 588 -12.61 -2.98 18.81
N ASN A 589 -11.42 -3.21 19.37
CA ASN A 589 -10.37 -3.99 18.72
C ASN A 589 -9.97 -3.42 17.35
N ILE A 590 -9.78 -2.11 17.32
CA ILE A 590 -9.25 -1.44 16.13
C ILE A 590 -7.74 -1.24 16.28
N THR A 591 -6.97 -1.82 15.35
CA THR A 591 -5.52 -1.75 15.35
C THR A 591 -5.12 -0.93 14.13
N ILE A 592 -4.65 0.28 14.36
CA ILE A 592 -4.00 1.06 13.31
C ILE A 592 -2.51 0.91 13.58
N SER A 593 -1.91 -0.06 12.91
CA SER A 593 -0.55 -0.51 13.23
C SER A 593 0.48 0.58 13.00
N ILE A 594 1.54 0.55 13.83
CA ILE A 594 2.70 1.38 13.61
C ILE A 594 3.50 0.98 12.38
N ASN A 595 3.25 -0.20 11.79
CA ASN A 595 4.02 -0.63 10.64
C ASN A 595 3.51 -0.07 9.30
N ASN A 596 2.55 0.85 9.33
CA ASN A 596 2.17 1.53 8.11
C ASN A 596 3.17 2.64 7.78
N ILE A 597 3.27 2.95 6.50
CA ILE A 597 4.21 3.93 5.99
C ILE A 597 3.41 5.09 5.42
N LEU A 598 3.73 6.31 5.87
CA LEU A 598 3.14 7.54 5.33
C LEU A 598 4.26 8.50 4.99
N GLN A 599 4.36 8.89 3.74
CA GLN A 599 5.44 9.74 3.28
C GLN A 599 4.85 10.90 2.48
N GLY A 600 5.51 12.06 2.57
CA GLY A 600 5.04 13.25 1.88
C GLY A 600 4.08 14.12 2.66
N PHE A 601 3.80 13.81 3.91
CA PHE A 601 2.98 14.67 4.77
C PHE A 601 3.87 15.57 5.59
N SER A 602 3.33 16.71 5.99
CA SER A 602 4.09 17.63 6.82
C SER A 602 3.92 17.37 8.31
N GLU A 603 2.90 16.62 8.72
CA GLU A 603 2.74 16.27 10.12
C GLU A 603 3.60 15.05 10.49
N GLY A 604 3.71 14.80 11.79
CA GLY A 604 4.48 13.66 12.26
C GLY A 604 3.72 12.34 12.12
N LYS A 605 4.47 11.25 11.94
CA LYS A 605 3.86 9.94 11.75
C LYS A 605 2.95 9.59 12.91
N SER A 606 3.36 9.96 14.13
CA SER A 606 2.62 9.60 15.34
C SER A 606 1.28 10.30 15.38
N GLN A 607 1.21 11.52 14.87
CA GLN A 607 -0.06 12.23 14.77
C GLN A 607 -0.90 11.67 13.64
N LEU A 608 -0.28 11.29 12.52
CA LEU A 608 -1.06 10.93 11.34
C LEU A 608 -1.74 9.59 11.49
N LEU A 609 -1.19 8.70 12.33
CA LEU A 609 -1.78 7.40 12.59
C LEU A 609 -2.66 7.38 13.83
N SER A 610 -2.86 8.54 14.47
CA SER A 610 -3.56 8.57 15.75
C SER A 610 -5.03 8.84 15.51
N PRO A 611 -5.93 7.92 15.89
CA PRO A 611 -7.36 8.09 15.54
C PRO A 611 -7.99 9.29 16.21
N THR A 612 -9.02 9.82 15.56
CA THR A 612 -9.84 10.87 16.15
C THR A 612 -11.31 10.46 16.15
N THR A 613 -12.12 11.20 16.90
CA THR A 613 -13.56 11.02 16.87
C THR A 613 -14.26 11.98 15.92
N THR A 614 -13.56 13.00 15.43
CA THR A 614 -14.12 14.01 14.55
C THR A 614 -13.25 14.15 13.31
N TYR A 615 -13.80 14.83 12.29
CA TYR A 615 -12.99 15.20 11.14
C TYR A 615 -11.83 16.10 11.54
N LYS A 616 -12.04 16.96 12.54
CA LYS A 616 -11.08 17.94 13.06
C LYS A 616 -10.33 18.72 11.98
N MET B 21 19.48 24.20 -22.64
CA MET B 21 18.12 24.50 -23.10
C MET B 21 17.11 24.39 -21.96
N ALA B 22 16.78 23.16 -21.57
CA ALA B 22 15.92 22.95 -20.42
C ALA B 22 16.51 23.54 -19.14
N SER B 23 17.84 23.71 -19.09
CA SER B 23 18.56 24.24 -17.95
C SER B 23 18.51 25.77 -17.91
N ASN B 24 19.00 26.30 -16.79
CA ASN B 24 19.26 27.71 -16.62
C ASN B 24 20.36 27.85 -15.57
N ASP B 25 20.59 29.07 -15.10
CA ASP B 25 21.64 29.28 -14.10
C ASP B 25 21.17 28.99 -12.68
N LYS B 26 19.92 28.59 -12.49
CA LYS B 26 19.44 28.13 -11.20
C LYS B 26 19.26 26.62 -11.18
N VAL B 27 18.60 26.06 -12.19
CA VAL B 27 18.32 24.62 -12.27
C VAL B 27 18.98 24.06 -13.51
N ILE B 28 19.75 22.99 -13.34
CA ILE B 28 20.42 22.30 -14.44
C ILE B 28 19.77 20.95 -14.65
N ASP B 29 19.32 20.71 -15.88
CA ASP B 29 18.78 19.44 -16.31
C ASP B 29 19.92 18.62 -16.93
N VAL B 30 20.22 17.46 -16.37
CA VAL B 30 21.36 16.69 -16.88
C VAL B 30 21.20 16.29 -18.34
N SER B 31 19.96 16.22 -18.87
CA SER B 31 19.82 15.78 -20.26
C SER B 31 20.45 16.79 -21.21
N ASP B 32 20.53 18.06 -20.81
CA ASP B 32 21.22 19.04 -21.61
C ASP B 32 22.72 18.77 -21.69
N PHE B 33 23.26 17.90 -20.82
CA PHE B 33 24.68 17.61 -20.86
C PHE B 33 24.96 16.24 -21.45
N GLY B 34 23.95 15.58 -22.03
CA GLY B 34 24.13 14.32 -22.71
C GLY B 34 23.61 13.09 -21.98
N ALA B 35 23.21 13.21 -20.72
CA ALA B 35 22.68 12.06 -19.99
C ALA B 35 21.30 11.72 -20.53
N ILE B 36 21.14 10.56 -21.16
CA ILE B 36 19.86 10.17 -21.76
C ILE B 36 19.32 8.98 -20.98
N LYS B 37 18.04 9.06 -20.62
CA LYS B 37 17.41 8.05 -19.77
C LYS B 37 17.07 6.79 -20.56
N ASP B 38 16.92 5.67 -19.84
CA ASP B 38 16.33 4.44 -20.34
C ASP B 38 17.12 3.79 -21.48
N THR B 39 18.30 4.29 -21.80
CA THR B 39 19.09 3.73 -22.90
C THR B 39 20.04 2.63 -22.45
N GLY B 40 20.45 2.64 -21.18
CA GLY B 40 21.50 1.76 -20.73
C GLY B 40 22.90 2.27 -20.97
N SER B 41 23.07 3.44 -21.57
CA SER B 41 24.40 3.99 -21.78
C SER B 41 24.92 4.63 -20.50
N ASP B 42 26.25 4.70 -20.40
CA ASP B 42 26.89 5.35 -19.26
C ASP B 42 26.55 6.83 -19.24
N SER B 43 26.01 7.30 -18.11
CA SER B 43 25.66 8.72 -17.93
C SER B 43 26.70 9.45 -17.08
N THR B 44 27.82 8.80 -16.76
CA THR B 44 28.74 9.30 -15.75
C THR B 44 29.35 10.62 -16.17
N HIS B 45 29.84 10.70 -17.42
CA HIS B 45 30.57 11.89 -17.85
C HIS B 45 29.66 13.08 -18.02
N SER B 46 28.49 12.88 -18.65
CA SER B 46 27.50 13.95 -18.74
C SER B 46 27.16 14.50 -17.37
N LEU B 47 26.95 13.61 -16.40
CA LEU B 47 26.71 14.05 -15.03
C LEU B 47 27.85 14.91 -14.53
N TYR B 48 29.10 14.46 -14.78
CA TYR B 48 30.27 15.18 -14.29
C TYR B 48 30.32 16.59 -14.84
N LYS B 49 30.13 16.75 -16.15
CA LYS B 49 30.09 18.08 -16.74
C LYS B 49 28.90 18.87 -16.20
N ALA B 50 27.76 18.22 -15.95
CA ALA B 50 26.65 18.98 -15.35
C ALA B 50 27.01 19.47 -13.96
N LEU B 51 27.70 18.65 -13.17
CA LEU B 51 28.12 19.06 -11.83
C LEU B 51 29.05 20.27 -11.89
N GLN B 52 30.06 20.20 -12.76
CA GLN B 52 31.04 21.29 -12.85
C GLN B 52 30.38 22.57 -13.33
N GLU B 53 29.38 22.48 -14.21
CA GLU B 53 28.70 23.70 -14.64
C GLU B 53 27.89 24.31 -13.49
N ALA B 54 27.17 23.47 -12.74
CA ALA B 54 26.45 23.96 -11.56
C ALA B 54 27.38 24.69 -10.60
N LYS B 55 28.57 24.13 -10.36
CA LYS B 55 29.53 24.80 -9.48
C LYS B 55 30.02 26.10 -10.10
N LYS B 56 30.22 26.11 -11.41
CA LYS B 56 30.75 27.29 -12.09
C LYS B 56 29.78 28.48 -12.01
N ILE B 57 28.49 28.27 -12.27
CA ILE B 57 27.55 29.40 -12.27
C ILE B 57 26.78 29.51 -10.97
N GLY B 58 26.98 28.60 -10.02
CA GLY B 58 26.24 28.68 -8.78
C GLY B 58 24.79 28.24 -8.86
N ALA B 59 24.47 27.31 -9.76
CA ALA B 59 23.12 26.73 -9.76
C ALA B 59 22.85 25.99 -8.45
N THR B 60 21.58 25.97 -8.04
CA THR B 60 21.21 25.41 -6.76
C THR B 60 20.50 24.07 -6.90
N LYS B 61 20.24 23.60 -8.13
CA LYS B 61 19.57 22.32 -8.29
C LYS B 61 20.02 21.66 -9.58
N ILE B 62 20.16 20.34 -9.53
CA ILE B 62 20.32 19.50 -10.72
C ILE B 62 19.14 18.53 -10.75
N THR B 63 18.51 18.38 -11.91
CA THR B 63 17.37 17.49 -12.02
C THR B 63 17.59 16.43 -13.10
N PHE B 64 17.08 15.26 -12.86
CA PHE B 64 17.06 14.17 -13.81
C PHE B 64 15.66 14.01 -14.38
N PRO B 65 15.46 14.01 -15.69
CA PRO B 65 14.19 13.51 -16.23
C PRO B 65 13.95 12.08 -15.78
N LYS B 66 12.76 11.83 -15.25
CA LYS B 66 12.42 10.53 -14.66
C LYS B 66 12.69 9.38 -15.62
N GLY B 67 13.59 8.48 -15.22
CA GLY B 67 13.86 7.30 -15.99
C GLY B 67 14.97 6.52 -15.33
N ARG B 68 15.51 5.55 -16.06
CA ARG B 68 16.61 4.72 -15.56
C ARG B 68 17.92 5.29 -16.07
N TYR B 69 18.89 5.45 -15.17
CA TYR B 69 20.24 5.92 -15.52
C TYR B 69 21.27 4.91 -15.06
N ASP B 70 22.20 4.56 -15.95
CA ASP B 70 23.23 3.57 -15.67
C ASP B 70 24.59 4.25 -15.58
N PHE B 71 25.39 3.81 -14.62
CA PHE B 71 26.71 4.37 -14.39
C PHE B 71 27.72 3.24 -14.34
N TYR B 72 28.84 3.43 -15.03
CA TYR B 72 29.90 2.43 -15.12
C TYR B 72 31.20 2.99 -14.53
N GLU B 73 32.20 2.13 -14.49
CA GLU B 73 33.49 2.46 -13.89
C GLU B 73 34.36 3.34 -14.78
N GLU B 74 34.28 3.15 -16.10
CA GLU B 74 35.38 3.51 -17.00
C GLU B 74 35.69 5.00 -16.98
N ARG B 75 34.68 5.84 -16.77
CA ARG B 75 34.87 7.28 -16.82
C ARG B 75 34.59 7.95 -15.48
N ALA B 76 34.67 7.21 -14.38
CA ALA B 76 34.37 7.77 -13.08
C ALA B 76 35.63 8.32 -12.44
N ALA B 77 35.48 9.45 -11.77
CA ALA B 77 36.59 10.10 -11.10
C ALA B 77 37.12 9.20 -9.99
N ASP B 78 38.45 9.15 -9.87
CA ASP B 78 39.14 8.29 -8.92
C ASP B 78 39.79 9.14 -7.82
N ARG B 79 39.61 8.73 -6.56
CA ARG B 79 40.17 9.45 -5.41
C ARG B 79 40.48 8.46 -4.30
N LEU B 80 41.57 8.72 -3.58
CA LEU B 80 41.84 8.04 -2.34
C LEU B 80 40.77 8.45 -1.33
N MET B 81 40.19 7.49 -0.63
CA MET B 81 39.23 7.79 0.44
C MET B 81 39.50 6.92 1.65
N TYR B 82 39.53 7.55 2.82
CA TYR B 82 39.36 6.84 4.08
C TYR B 82 37.93 7.06 4.54
N ILE B 83 37.20 5.96 4.80
CA ILE B 83 35.79 6.00 5.14
C ILE B 83 35.58 5.14 6.39
N SER B 84 35.33 5.80 7.52
CA SER B 84 35.29 5.12 8.80
C SER B 84 34.36 3.92 8.78
N ASN B 85 34.81 2.84 9.44
CA ASN B 85 34.04 1.61 9.58
C ASN B 85 33.78 0.93 8.24
N ASN B 86 34.44 1.37 7.16
CA ASN B 86 34.42 0.72 5.86
C ASN B 86 35.86 0.58 5.36
N ASP B 87 36.03 0.04 4.12
CA ASP B 87 37.39 -0.26 3.64
C ASP B 87 37.97 0.92 2.85
N PRO B 88 39.18 1.35 3.17
CA PRO B 88 39.79 2.48 2.44
C PRO B 88 40.37 2.03 1.11
N GLY B 89 40.52 2.98 0.20
CA GLY B 89 41.28 2.75 -1.01
C GLY B 89 40.97 3.79 -2.06
N ILE B 90 41.40 3.49 -3.28
CA ILE B 90 40.98 4.24 -4.47
C ILE B 90 39.51 3.99 -4.73
N LYS B 91 38.72 5.04 -4.73
CA LYS B 91 37.31 4.92 -5.03
C LYS B 91 37.03 5.51 -6.40
N ARG B 92 36.15 4.83 -7.14
CA ARG B 92 35.54 5.41 -8.34
C ARG B 92 34.18 5.95 -7.92
N ILE B 93 33.93 7.23 -8.20
CA ILE B 93 32.82 7.97 -7.58
C ILE B 93 31.94 8.55 -8.67
N THR B 94 30.66 8.13 -8.68
CA THR B 94 29.74 8.64 -9.69
C THR B 94 29.35 10.09 -9.43
N PHE B 95 29.06 10.44 -8.17
CA PHE B 95 28.75 11.81 -7.79
C PHE B 95 29.87 12.33 -6.88
N PRO B 96 30.96 12.81 -7.44
CA PRO B 96 32.05 13.29 -6.57
C PRO B 96 31.77 14.72 -6.11
N LEU B 97 30.92 14.83 -5.07
CA LEU B 97 30.47 16.13 -4.54
C LEU B 97 31.50 16.71 -3.55
N SER B 98 32.67 17.08 -4.10
CA SER B 98 33.72 17.72 -3.30
C SER B 98 33.54 19.23 -3.34
N SER B 99 33.42 19.85 -2.17
CA SER B 99 33.32 21.31 -2.08
C SER B 99 32.18 21.85 -2.94
N PHE B 100 31.01 21.24 -2.78
CA PHE B 100 29.78 21.79 -3.34
C PHE B 100 29.01 22.45 -2.22
N ASN B 101 28.24 23.47 -2.60
CA ASN B 101 27.50 24.25 -1.62
C ASN B 101 26.15 24.62 -2.21
N ASN B 102 25.11 24.49 -1.39
CA ASN B 102 23.78 24.92 -1.77
C ASN B 102 23.37 24.27 -3.09
N LEU B 103 23.49 22.94 -3.15
CA LEU B 103 23.17 22.18 -4.36
C LEU B 103 22.20 21.06 -4.02
N GLU B 104 21.12 20.96 -4.78
CA GLU B 104 20.13 19.91 -4.62
C GLU B 104 20.15 19.02 -5.85
N ILE B 105 20.06 17.73 -5.62
CA ILE B 105 19.96 16.76 -6.71
C ILE B 105 18.60 16.08 -6.60
N ASP B 106 17.72 16.39 -7.53
CA ASP B 106 16.36 15.84 -7.56
C ASP B 106 16.29 14.85 -8.72
N GLY B 107 16.20 13.57 -8.38
CA GLY B 107 16.12 12.57 -9.42
C GLY B 107 14.75 12.36 -10.01
N ASN B 108 13.71 13.05 -9.51
CA ASN B 108 12.34 12.90 -10.02
C ASN B 108 11.89 11.45 -10.00
N ASN B 109 12.38 10.69 -9.00
CA ASN B 109 12.12 9.26 -8.82
C ASN B 109 12.71 8.43 -9.95
N SER B 110 13.83 8.88 -10.51
CA SER B 110 14.60 8.00 -11.38
C SER B 110 15.18 6.85 -10.58
N THR B 111 15.60 5.82 -11.30
CA THR B 111 16.33 4.70 -10.72
C THR B 111 17.77 4.76 -11.24
N PHE B 112 18.73 4.70 -10.32
CA PHE B 112 20.14 4.75 -10.66
C PHE B 112 20.71 3.35 -10.48
N ILE B 113 21.43 2.88 -11.50
CA ILE B 113 21.99 1.52 -11.51
C ILE B 113 23.48 1.64 -11.72
N PHE B 114 24.25 1.11 -10.77
CA PHE B 114 25.70 1.27 -10.73
C PHE B 114 26.32 -0.05 -11.10
N HIS B 115 27.23 -0.02 -12.08
CA HIS B 115 27.82 -1.23 -12.65
C HIS B 115 29.24 -1.40 -12.11
N GLY B 116 29.44 -2.40 -11.26
CA GLY B 116 30.76 -2.73 -10.76
C GLY B 116 31.13 -2.00 -9.48
N GLY B 117 32.41 -1.67 -9.33
CA GLY B 117 32.91 -1.08 -8.10
C GLY B 117 32.83 0.43 -8.07
N LEU B 118 31.64 0.95 -7.78
CA LEU B 118 31.39 2.38 -7.77
C LEU B 118 30.90 2.79 -6.40
N VAL B 119 31.36 3.95 -5.92
CA VAL B 119 30.73 4.61 -4.78
C VAL B 119 29.76 5.64 -5.36
N PRO B 120 28.44 5.41 -5.25
CA PRO B 120 27.49 6.36 -5.85
C PRO B 120 27.74 7.83 -5.50
N PHE B 121 27.84 8.15 -4.20
CA PHE B 121 27.93 9.52 -3.72
C PHE B 121 29.05 9.61 -2.71
N ILE B 122 29.95 10.56 -2.90
CA ILE B 122 30.83 10.99 -1.83
C ILE B 122 30.69 12.49 -1.67
N LEU B 123 30.15 12.91 -0.54
CA LEU B 123 30.06 14.30 -0.16
C LEU B 123 31.27 14.62 0.70
N ASP B 124 32.08 15.57 0.26
CA ASP B 124 33.39 15.80 0.87
C ASP B 124 33.58 17.29 1.01
N GLU B 125 33.59 17.79 2.25
CA GLU B 125 33.74 19.22 2.50
C GLU B 125 32.70 20.01 1.72
N SER B 126 31.49 19.46 1.66
CA SER B 126 30.36 20.10 1.03
C SER B 126 29.39 20.63 2.08
N SER B 127 28.45 21.45 1.62
CA SER B 127 27.61 22.19 2.54
C SER B 127 26.24 22.45 1.92
N HIS B 128 25.18 22.20 2.69
CA HIS B 128 23.81 22.42 2.23
C HIS B 128 23.52 21.63 0.94
N ILE B 129 23.63 20.32 1.06
CA ILE B 129 23.36 19.40 -0.03
C ILE B 129 22.05 18.69 0.27
N VAL B 130 21.13 18.68 -0.69
CA VAL B 130 19.91 17.90 -0.60
C VAL B 130 19.90 16.88 -1.72
N LEU B 131 19.72 15.62 -1.35
CA LEU B 131 19.47 14.53 -2.28
C LEU B 131 18.01 14.08 -2.13
N ARG B 132 17.27 14.06 -3.24
CA ARG B 132 15.89 13.60 -3.11
C ARG B 132 15.41 12.86 -4.35
N ASN B 133 14.46 11.94 -4.13
CA ASN B 133 13.67 11.31 -5.19
C ASN B 133 14.53 10.52 -6.18
N PHE B 134 15.20 9.49 -5.67
CA PHE B 134 15.77 8.48 -6.57
C PHE B 134 16.14 7.24 -5.77
N SER B 135 16.45 6.19 -6.51
CA SER B 135 16.89 4.94 -5.91
C SER B 135 18.30 4.60 -6.41
N ILE B 136 19.00 3.80 -5.59
CA ILE B 136 20.36 3.37 -5.86
C ILE B 136 20.38 1.86 -5.84
N ASP B 137 20.96 1.25 -6.87
CA ASP B 137 21.14 -0.20 -6.88
C ASP B 137 22.35 -0.54 -7.72
N PHE B 138 22.81 -1.77 -7.58
CA PHE B 138 23.95 -2.26 -8.32
C PHE B 138 23.52 -3.37 -9.28
N SER B 139 24.21 -3.45 -10.41
CA SER B 139 23.83 -4.37 -11.46
C SER B 139 23.90 -5.80 -10.97
N ARG B 140 24.93 -6.12 -10.21
CA ARG B 140 25.07 -7.41 -9.58
C ARG B 140 25.36 -7.16 -8.10
N ALA B 141 24.61 -7.83 -7.23
CA ALA B 141 24.83 -7.66 -5.79
C ALA B 141 26.24 -8.08 -5.40
N PHE B 142 26.77 -7.43 -4.36
CA PHE B 142 28.09 -7.82 -3.87
C PHE B 142 28.01 -9.09 -3.04
N HIS B 143 26.87 -9.35 -2.43
CA HIS B 143 26.61 -10.62 -1.77
C HIS B 143 25.89 -11.55 -2.73
N SER B 144 25.73 -12.79 -2.30
CA SER B 144 25.07 -13.80 -3.11
C SER B 144 24.06 -14.55 -2.26
N GLU B 145 22.98 -15.01 -2.90
CA GLU B 145 21.93 -15.78 -2.24
C GLU B 145 21.57 -17.00 -3.07
N ALA B 146 21.08 -18.03 -2.37
CA ALA B 146 20.74 -19.31 -3.00
C ALA B 146 19.63 -19.96 -2.21
N LEU B 147 18.71 -20.62 -2.91
CA LEU B 147 17.70 -21.46 -2.27
C LEU B 147 18.32 -22.77 -1.83
N ILE B 148 18.02 -23.17 -0.60
CA ILE B 148 18.55 -24.43 -0.08
C ILE B 148 17.66 -25.57 -0.57
N ALA B 149 18.23 -26.47 -1.36
CA ALA B 149 17.47 -27.55 -1.98
C ALA B 149 17.65 -28.88 -1.28
N GLY B 150 18.81 -29.12 -0.68
CA GLY B 150 19.04 -30.29 0.14
C GLY B 150 20.04 -29.95 1.22
N ALA B 151 20.23 -30.90 2.14
CA ALA B 151 21.12 -30.69 3.29
C ALA B 151 21.55 -32.04 3.86
N GLY B 152 22.76 -32.07 4.40
CA GLY B 152 23.26 -33.28 5.02
C GLY B 152 24.51 -32.95 5.80
N LYS B 153 25.14 -34.00 6.33
CA LYS B 153 26.32 -33.77 7.16
C LYS B 153 27.41 -33.13 6.33
N GLY B 154 27.82 -31.93 6.72
CA GLY B 154 28.93 -31.28 6.06
C GLY B 154 28.67 -30.80 4.65
N TYR B 155 27.42 -30.59 4.26
CA TYR B 155 27.15 -30.09 2.92
C TYR B 155 25.78 -29.42 2.86
N LEU B 156 25.61 -28.57 1.85
CA LEU B 156 24.33 -28.00 1.47
C LEU B 156 24.21 -28.05 -0.05
N ASP B 157 23.01 -28.39 -0.53
CA ASP B 157 22.73 -28.35 -1.97
C ASP B 157 21.95 -27.06 -2.25
N LEU B 158 22.41 -26.29 -3.23
CA LEU B 158 21.89 -24.94 -3.46
C LEU B 158 21.48 -24.76 -4.92
N LYS B 159 20.65 -23.76 -5.15
CA LYS B 159 20.19 -23.41 -6.49
C LYS B 159 20.24 -21.89 -6.62
N PHE B 160 21.16 -21.39 -7.43
CA PHE B 160 21.30 -19.95 -7.68
C PHE B 160 20.49 -19.53 -8.89
N THR B 161 20.04 -18.27 -8.88
CA THR B 161 19.35 -17.72 -10.03
C THR B 161 20.34 -17.03 -10.96
N ASP B 162 19.81 -16.45 -12.04
CA ASP B 162 20.58 -15.66 -13.01
C ASP B 162 21.34 -14.53 -12.33
N GLN B 163 20.76 -13.96 -11.29
CA GLN B 163 21.23 -12.72 -10.68
C GLN B 163 22.55 -12.89 -9.96
N PHE B 164 22.95 -14.12 -9.65
CA PHE B 164 24.16 -14.37 -8.85
C PHE B 164 25.12 -15.27 -9.62
N PRO B 165 25.76 -14.75 -10.68
CA PRO B 165 26.67 -15.61 -11.45
C PRO B 165 27.81 -16.12 -10.58
N TYR B 166 28.31 -17.30 -10.95
CA TYR B 166 29.37 -17.96 -10.22
C TYR B 166 30.13 -18.86 -11.18
N LYS B 167 31.36 -19.17 -10.82
CA LYS B 167 32.11 -20.27 -11.42
C LYS B 167 32.61 -21.19 -10.32
N ILE B 168 32.76 -22.48 -10.65
CA ILE B 168 33.53 -23.40 -9.84
C ILE B 168 34.78 -23.74 -10.63
N ASN B 169 35.94 -23.39 -10.10
CA ASN B 169 37.15 -23.51 -10.90
C ASN B 169 37.70 -24.94 -10.80
N GLU B 170 38.77 -25.23 -11.53
CA GLU B 170 39.31 -26.59 -11.52
C GLU B 170 39.78 -27.01 -10.14
N ALA B 171 40.14 -26.06 -9.28
CA ALA B 171 40.49 -26.41 -7.91
C ALA B 171 39.29 -26.84 -7.09
N GLY B 172 38.08 -26.66 -7.59
CA GLY B 172 36.91 -27.08 -6.85
C GLY B 172 36.42 -26.07 -5.85
N ILE B 173 36.65 -24.78 -6.11
CA ILE B 173 36.31 -23.69 -5.20
C ILE B 173 35.20 -22.87 -5.84
N LEU B 174 34.16 -22.57 -5.07
CA LEU B 174 33.07 -21.70 -5.53
C LEU B 174 33.51 -20.23 -5.49
N LYS B 175 33.44 -19.54 -6.62
CA LYS B 175 33.87 -18.15 -6.73
C LYS B 175 32.84 -17.37 -7.50
N PHE B 176 32.24 -16.37 -6.86
CA PHE B 176 31.22 -15.58 -7.55
C PHE B 176 31.88 -14.58 -8.50
N GLN B 177 31.08 -14.17 -9.49
CA GLN B 177 31.57 -13.40 -10.61
C GLN B 177 30.74 -12.14 -10.79
N SER B 178 31.30 -11.14 -11.47
CA SER B 178 30.51 -9.98 -11.83
C SER B 178 29.50 -10.33 -12.92
N GLN B 179 29.84 -11.30 -13.75
CA GLN B 179 29.03 -11.68 -14.89
C GLN B 179 29.65 -12.95 -15.43
N LEU B 180 28.90 -13.69 -16.22
CA LEU B 180 29.47 -14.82 -16.95
C LEU B 180 29.97 -14.31 -18.30
N PHE B 181 31.09 -14.87 -18.76
CA PHE B 181 31.76 -14.42 -19.98
C PHE B 181 30.93 -14.77 -21.21
N GLN B 182 30.43 -13.75 -21.92
CA GLN B 182 29.64 -13.95 -23.13
C GLN B 182 30.45 -14.63 -24.25
N ILE B 186 36.01 -11.08 -31.60
CA ILE B 186 37.47 -11.14 -31.74
C ILE B 186 38.10 -11.91 -30.58
N LYS B 187 38.94 -12.90 -30.91
CA LYS B 187 39.67 -13.63 -29.88
C LYS B 187 40.64 -12.74 -29.12
N ASN B 188 41.09 -11.64 -29.75
CA ASN B 188 42.00 -10.71 -29.07
C ASN B 188 41.28 -9.99 -27.94
N LYS B 189 40.07 -9.48 -28.23
CA LYS B 189 39.30 -8.74 -27.23
C LYS B 189 38.76 -9.66 -26.15
N ASP B 190 38.49 -10.93 -26.49
CA ASP B 190 37.94 -11.87 -25.51
C ASP B 190 38.97 -12.25 -24.46
N ARG B 191 40.28 -12.19 -24.79
CA ARG B 191 41.30 -12.46 -23.79
C ARG B 191 41.38 -11.36 -22.74
N LEU B 192 41.10 -10.11 -23.13
CA LEU B 192 41.13 -8.99 -22.20
C LEU B 192 39.87 -8.91 -21.34
N LYS B 193 38.72 -9.30 -21.89
CA LYS B 193 37.49 -9.30 -21.09
C LYS B 193 37.52 -10.44 -20.06
N ARG B 194 38.16 -11.57 -20.38
CA ARG B 194 38.36 -12.62 -19.39
C ARG B 194 39.16 -12.10 -18.19
N LYS B 195 40.27 -11.41 -18.46
CA LYS B 195 41.12 -10.93 -17.38
C LYS B 195 40.39 -9.91 -16.51
N GLN B 196 39.59 -9.05 -17.13
CA GLN B 196 38.86 -8.05 -16.35
C GLN B 196 37.80 -8.71 -15.47
N ILE B 197 37.04 -9.66 -16.02
CA ILE B 197 36.11 -10.44 -15.21
C ILE B 197 36.87 -11.14 -14.10
N SER B 198 38.04 -11.68 -14.42
CA SER B 198 38.88 -12.34 -13.43
C SER B 198 39.23 -11.38 -12.29
N GLN B 199 39.64 -10.15 -12.64
CA GLN B 199 39.95 -9.16 -11.62
C GLN B 199 38.76 -8.89 -10.70
N ASP B 200 37.54 -8.90 -11.26
CA ASP B 200 36.39 -8.56 -10.45
C ASP B 200 36.06 -9.58 -9.38
N GLU B 201 36.77 -10.70 -9.32
CA GLU B 201 36.36 -11.74 -8.37
C GLU B 201 36.44 -11.25 -6.94
N TYR B 202 37.43 -10.42 -6.63
CA TYR B 202 37.65 -9.91 -5.28
C TYR B 202 36.40 -9.25 -4.72
N LYS B 203 35.65 -8.53 -5.57
CA LYS B 203 34.52 -7.74 -5.12
C LYS B 203 33.37 -8.59 -4.63
N TYR B 204 33.33 -9.86 -5.02
CA TYR B 204 32.21 -10.74 -4.72
C TYR B 204 32.65 -11.86 -3.79
N GLU B 205 33.81 -11.69 -3.17
CA GLU B 205 34.27 -12.60 -2.12
C GLU B 205 33.29 -12.63 -0.95
N TYR B 206 33.15 -13.81 -0.37
CA TYR B 206 32.30 -14.00 0.79
C TYR B 206 33.17 -14.33 2.00
N LYS B 207 32.53 -14.38 3.15
CA LYS B 207 33.26 -14.50 4.42
C LYS B 207 32.55 -15.51 5.32
N ARG B 208 31.22 -15.54 5.24
CA ARG B 208 30.40 -16.42 6.07
C ARG B 208 29.02 -16.53 5.44
N VAL B 209 28.25 -17.52 5.90
CA VAL B 209 26.91 -17.77 5.38
C VAL B 209 25.90 -17.70 6.52
N LEU B 210 24.67 -17.33 6.17
CA LEU B 210 23.60 -17.22 7.14
C LEU B 210 22.30 -17.65 6.48
N GLU B 211 21.53 -18.48 7.18
CA GLU B 211 20.26 -18.99 6.70
C GLU B 211 19.13 -18.01 7.00
N PHE B 212 18.26 -17.80 6.01
CA PHE B 212 17.12 -16.90 6.13
C PHE B 212 15.82 -17.67 5.97
N ASN B 213 14.82 -17.32 6.79
CA ASN B 213 13.50 -17.93 6.70
C ASN B 213 12.82 -17.50 5.41
N PHE B 214 12.45 -18.48 4.58
CA PHE B 214 11.91 -18.19 3.26
C PHE B 214 10.68 -17.30 3.35
N ALA B 215 9.73 -17.67 4.22
CA ALA B 215 8.45 -16.96 4.29
C ALA B 215 8.56 -15.62 5.01
N LEU B 216 9.33 -15.56 6.10
CA LEU B 216 9.46 -14.32 6.86
C LEU B 216 10.53 -13.37 6.32
N ARG B 217 11.36 -13.84 5.36
CA ARG B 217 12.37 -13.01 4.70
C ARG B 217 13.25 -12.31 5.73
N GLU B 218 13.69 -13.09 6.71
CA GLU B 218 14.45 -12.63 7.86
C GLU B 218 15.38 -13.77 8.21
N PRO B 219 16.45 -13.50 8.97
CA PRO B 219 17.32 -14.61 9.41
C PRO B 219 16.49 -15.67 10.12
N GLU B 220 16.86 -16.93 9.90
CA GLU B 220 16.09 -18.02 10.50
C GLU B 220 16.24 -17.99 12.03
N TYR B 221 15.11 -18.20 12.71
CA TYR B 221 15.02 -18.23 14.17
C TYR B 221 16.10 -19.11 14.78
N MET B 222 17.05 -18.50 15.50
CA MET B 222 18.16 -19.14 16.20
C MET B 222 19.28 -19.64 15.29
N ALA B 223 19.22 -19.37 13.99
CA ALA B 223 20.37 -19.65 13.15
C ALA B 223 21.48 -18.65 13.47
N GLN B 224 22.72 -19.11 13.33
CA GLN B 224 23.89 -18.27 13.58
C GLN B 224 24.66 -18.07 12.29
N ASP B 225 25.49 -17.02 12.27
CA ASP B 225 26.48 -16.88 11.20
C ASP B 225 27.37 -18.09 11.21
N ILE B 226 27.57 -18.69 10.05
CA ILE B 226 28.48 -19.81 9.91
C ILE B 226 29.71 -19.30 9.18
N PHE B 227 30.83 -19.22 9.89
CA PHE B 227 32.05 -18.72 9.28
C PHE B 227 32.59 -19.74 8.27
N THR B 228 32.87 -19.27 7.06
CA THR B 228 33.44 -20.12 6.03
C THR B 228 34.82 -19.70 5.56
N GLY B 229 35.16 -18.42 5.66
CA GLY B 229 36.24 -17.88 4.86
C GLY B 229 35.77 -17.64 3.42
N ASN B 230 36.71 -17.25 2.57
CA ASN B 230 36.38 -16.81 1.21
C ASN B 230 36.48 -17.92 0.17
N ALA B 231 36.66 -19.18 0.59
CA ALA B 231 36.84 -20.30 -0.34
C ALA B 231 36.06 -21.52 0.16
N LEU B 232 34.93 -21.80 -0.46
CA LEU B 232 34.14 -22.99 -0.17
C LEU B 232 34.36 -24.05 -1.25
N ARG B 233 34.71 -25.27 -0.84
CA ARG B 233 34.71 -26.40 -1.77
C ARG B 233 33.29 -26.64 -2.30
N ALA B 234 33.20 -26.97 -3.59
CA ALA B 234 31.90 -27.07 -4.23
C ALA B 234 31.96 -28.02 -5.41
N GLU B 235 30.82 -28.62 -5.74
CA GLU B 235 30.63 -29.43 -6.95
C GLU B 235 29.29 -29.11 -7.57
N LYS B 236 29.24 -29.13 -8.89
CA LYS B 236 27.95 -29.11 -9.58
C LYS B 236 27.53 -30.57 -9.77
N LEU B 237 26.33 -30.89 -9.30
CA LEU B 237 25.84 -32.27 -9.33
C LEU B 237 25.32 -32.61 -10.72
N ASN B 238 25.88 -33.66 -11.32
CA ASN B 238 25.41 -34.18 -12.60
C ASN B 238 25.82 -35.64 -12.77
N ASP B 241 22.33 -27.85 -12.46
CA ASP B 241 21.70 -26.63 -11.96
C ASP B 241 21.63 -26.57 -10.42
N VAL B 242 22.29 -27.52 -9.76
CA VAL B 242 22.36 -27.58 -8.30
C VAL B 242 23.82 -27.62 -7.88
N VAL B 243 24.17 -26.76 -6.92
CA VAL B 243 25.54 -26.66 -6.43
C VAL B 243 25.59 -27.17 -5.00
N ARG B 244 26.44 -28.16 -4.77
CA ARG B 244 26.73 -28.63 -3.43
C ARG B 244 27.98 -27.92 -2.91
N ILE B 245 27.88 -27.35 -1.72
CA ILE B 245 29.02 -26.80 -1.01
C ILE B 245 29.31 -27.67 0.20
N PHE B 246 30.59 -27.76 0.56
CA PHE B 246 31.05 -28.60 1.65
C PHE B 246 31.69 -27.74 2.72
N HIS B 247 31.18 -27.84 3.95
CA HIS B 247 31.88 -27.26 5.09
C HIS B 247 31.40 -28.00 6.32
N PRO B 248 32.30 -28.35 7.25
CA PRO B 248 31.86 -29.16 8.40
C PRO B 248 30.79 -28.49 9.26
N ASN B 249 30.69 -27.17 9.28
CA ASN B 249 29.74 -26.50 10.15
C ASN B 249 28.48 -26.02 9.44
N LEU B 250 28.23 -26.50 8.22
CA LEU B 250 27.02 -26.11 7.52
C LEU B 250 25.80 -26.86 8.06
N LYS B 251 24.72 -26.11 8.33
CA LYS B 251 23.47 -26.73 8.73
C LYS B 251 22.37 -25.69 8.49
N ALA B 252 21.24 -26.14 7.97
CA ALA B 252 20.17 -25.22 7.59
C ALA B 252 18.91 -26.03 7.29
N LYS B 253 17.78 -25.33 7.29
CA LYS B 253 16.50 -25.92 6.93
C LYS B 253 16.33 -25.87 5.42
N VAL B 254 15.93 -27.01 4.84
CA VAL B 254 15.71 -27.09 3.40
C VAL B 254 14.51 -26.25 3.02
N GLY B 255 14.64 -25.48 1.94
CA GLY B 255 13.65 -24.52 1.54
C GLY B 255 13.95 -23.10 1.98
N ASN B 256 14.85 -22.94 2.93
CA ASN B 256 15.28 -21.61 3.33
C ASN B 256 16.25 -21.06 2.28
N ILE B 257 16.59 -19.78 2.44
CA ILE B 257 17.53 -19.10 1.56
C ILE B 257 18.84 -18.88 2.30
N LEU B 258 19.94 -19.29 1.70
CA LEU B 258 21.27 -19.10 2.26
C LEU B 258 21.91 -17.85 1.66
N VAL B 259 22.41 -16.98 2.51
CA VAL B 259 23.04 -15.74 2.10
C VAL B 259 24.55 -15.87 2.32
N PHE B 260 25.33 -15.54 1.29
CA PHE B 260 26.78 -15.41 1.42
C PHE B 260 27.13 -13.96 1.75
N GLN B 261 27.73 -13.72 2.91
CA GLN B 261 28.05 -12.36 3.34
C GLN B 261 29.28 -11.83 2.59
N ALA B 262 29.11 -10.70 1.89
CA ALA B 262 30.21 -10.02 1.24
C ALA B 262 31.33 -9.75 2.23
N LYS B 263 32.56 -10.10 1.83
CA LYS B 263 33.70 -9.93 2.71
C LYS B 263 34.10 -8.46 2.90
N HIS B 264 33.85 -7.61 1.91
CA HIS B 264 34.43 -6.28 1.85
C HIS B 264 33.38 -5.19 2.04
N ARG B 265 33.87 -4.00 2.39
CA ARG B 265 33.04 -2.80 2.49
C ARG B 265 33.66 -1.67 1.66
N ASP B 266 33.75 -1.89 0.35
CA ASP B 266 34.46 -0.99 -0.54
C ASP B 266 33.57 0.04 -1.23
N TYR B 267 32.25 -0.18 -1.29
CA TYR B 267 31.36 0.65 -2.09
C TYR B 267 30.12 1.04 -1.28
N PRO B 268 30.29 1.87 -0.26
CA PRO B 268 29.11 2.40 0.44
C PRO B 268 28.28 3.28 -0.48
N GLY B 269 27.00 3.44 -0.13
CA GLY B 269 26.07 4.11 -1.04
C GLY B 269 26.23 5.62 -1.03
N VAL B 270 26.15 6.24 0.14
CA VAL B 270 26.27 7.70 0.28
C VAL B 270 27.28 7.96 1.38
N VAL B 271 28.40 8.58 1.04
CA VAL B 271 29.40 8.95 2.02
C VAL B 271 29.27 10.44 2.29
N ILE B 272 29.21 10.81 3.56
CA ILE B 272 29.11 12.19 4.01
C ILE B 272 30.33 12.45 4.88
N SER B 273 31.27 13.25 4.39
CA SER B 273 32.59 13.35 5.01
C SER B 273 32.93 14.82 5.17
N ASP B 274 33.24 15.23 6.40
CA ASP B 274 33.65 16.61 6.69
C ASP B 274 32.72 17.62 6.04
N SER B 275 31.42 17.30 6.05
CA SER B 275 30.39 18.09 5.40
C SER B 275 29.36 18.55 6.42
N ASN B 276 28.52 19.52 6.04
CA ASN B 276 27.48 20.01 6.94
C ASN B 276 26.17 20.26 6.21
N ASN B 277 25.09 20.17 6.98
CA ASN B 277 23.72 20.46 6.55
C ASN B 277 23.34 19.67 5.29
N VAL B 278 23.27 18.35 5.48
CA VAL B 278 22.96 17.41 4.41
C VAL B 278 21.60 16.78 4.69
N GLU B 279 20.78 16.63 3.65
CA GLU B 279 19.48 15.98 3.81
C GLU B 279 19.25 14.99 2.68
N LEU B 280 18.74 13.82 3.05
CA LEU B 280 18.23 12.84 2.12
C LEU B 280 16.71 12.73 2.31
N HIS B 281 15.95 13.00 1.24
CA HIS B 281 14.50 12.88 1.24
C HIS B 281 14.08 11.90 0.17
N ASN B 282 13.37 10.84 0.56
CA ASN B 282 12.81 9.88 -0.39
C ASN B 282 13.90 9.26 -1.28
N ILE B 283 15.01 8.86 -0.65
CA ILE B 283 16.06 8.09 -1.33
C ILE B 283 15.85 6.63 -0.99
N THR B 284 15.92 5.77 -2.00
CA THR B 284 15.84 4.32 -1.79
C THR B 284 17.20 3.73 -2.10
N ILE B 285 17.82 3.12 -1.09
CA ILE B 285 19.09 2.43 -1.27
C ILE B 285 18.78 0.94 -1.27
N HIS B 286 18.76 0.33 -2.45
CA HIS B 286 18.51 -1.10 -2.54
C HIS B 286 19.70 -1.92 -2.09
N HIS B 287 20.90 -1.36 -2.21
CA HIS B 287 22.12 -2.16 -2.09
C HIS B 287 23.33 -1.26 -2.00
N ALA B 288 24.34 -1.73 -1.27
CA ALA B 288 25.66 -1.10 -1.26
C ALA B 288 26.68 -2.17 -0.92
N GLY B 289 27.91 -1.95 -1.38
CA GLY B 289 29.04 -2.73 -0.90
C GLY B 289 29.57 -2.21 0.42
N GLY B 290 28.83 -2.48 1.50
CA GLY B 290 29.07 -1.89 2.79
C GLY B 290 27.81 -1.19 3.30
N MET B 291 28.00 -0.02 3.90
CA MET B 291 26.89 0.69 4.49
C MET B 291 26.13 1.51 3.45
N GLY B 292 24.86 1.76 3.75
CA GLY B 292 24.04 2.56 2.88
C GLY B 292 24.40 4.03 2.97
N VAL B 293 24.35 4.58 4.19
CA VAL B 293 24.83 5.91 4.49
C VAL B 293 25.87 5.81 5.61
N ILE B 294 27.03 6.41 5.38
CA ILE B 294 28.09 6.50 6.40
C ILE B 294 28.52 7.94 6.44
N ALA B 295 28.37 8.57 7.59
CA ALA B 295 28.79 9.95 7.82
C ALA B 295 29.95 9.95 8.81
N GLN B 296 30.99 10.73 8.51
CA GLN B 296 32.10 10.89 9.43
C GLN B 296 32.40 12.38 9.58
N ARG B 297 32.55 12.82 10.82
CA ARG B 297 33.03 14.16 11.10
C ARG B 297 32.16 15.22 10.40
N SER B 298 30.86 15.02 10.46
CA SER B 298 29.91 15.85 9.75
C SER B 298 28.88 16.40 10.73
N HIS B 299 28.20 17.46 10.30
CA HIS B 299 27.39 18.32 11.16
C HIS B 299 26.02 18.56 10.52
N ASN B 300 24.95 18.16 11.22
CA ASN B 300 23.55 18.30 10.78
C ASN B 300 23.20 17.43 9.58
N ILE B 301 22.65 16.23 9.82
CA ILE B 301 22.28 15.30 8.76
C ILE B 301 20.87 14.84 9.02
N THR B 302 20.02 14.94 8.00
CA THR B 302 18.64 14.47 8.04
C THR B 302 18.46 13.39 6.98
N ILE B 303 17.86 12.27 7.38
CA ILE B 303 17.42 11.22 6.45
C ILE B 303 15.95 11.00 6.72
N LYS B 304 15.10 11.42 5.78
CA LYS B 304 13.66 11.44 5.96
C LYS B 304 12.96 10.73 4.79
N ASP B 305 11.87 10.02 5.09
CA ASP B 305 11.01 9.40 4.07
C ASP B 305 11.79 8.50 3.12
N SER B 306 12.86 7.88 3.59
CA SER B 306 13.75 7.10 2.74
C SER B 306 13.62 5.62 3.08
N LYS B 307 14.15 4.77 2.20
CA LYS B 307 14.01 3.32 2.34
C LYS B 307 15.33 2.64 2.05
N VAL B 308 15.73 1.71 2.93
CA VAL B 308 16.78 0.75 2.64
C VAL B 308 16.09 -0.61 2.59
N SER B 309 16.01 -1.22 1.40
CA SER B 309 15.14 -2.38 1.20
C SER B 309 15.56 -3.08 -0.08
N PRO B 310 15.56 -4.42 -0.10
CA PRO B 310 16.16 -5.14 -1.24
C PRO B 310 15.41 -4.88 -2.54
N SER B 311 16.13 -5.00 -3.66
CA SER B 311 15.47 -4.92 -4.95
C SER B 311 15.00 -6.32 -5.37
N LYS B 312 14.24 -6.37 -6.47
CA LYS B 312 13.54 -7.59 -6.88
C LYS B 312 14.48 -8.77 -6.97
N GLY B 313 14.06 -9.89 -6.40
CA GLY B 313 14.85 -11.09 -6.43
C GLY B 313 15.77 -11.30 -5.23
N ARG B 314 15.87 -10.31 -4.33
CA ARG B 314 16.87 -10.34 -3.27
C ARG B 314 16.21 -10.30 -1.91
N ILE B 315 16.84 -11.01 -0.97
CA ILE B 315 16.41 -11.05 0.42
C ILE B 315 17.23 -10.11 1.30
N VAL B 316 18.31 -9.53 0.77
CA VAL B 316 19.24 -8.68 1.49
C VAL B 316 19.29 -7.31 0.81
N SER B 317 19.41 -6.24 1.61
CA SER B 317 19.59 -4.92 1.02
C SER B 317 21.08 -4.53 1.00
N THR B 318 21.53 -3.68 1.94
CA THR B 318 22.94 -3.33 2.02
C THR B 318 23.71 -4.42 2.75
N THR B 319 24.96 -4.66 2.31
CA THR B 319 25.77 -5.73 2.91
C THR B 319 26.37 -5.35 4.26
N ALA B 320 26.12 -4.12 4.74
CA ALA B 320 26.41 -3.74 6.13
C ALA B 320 25.34 -2.77 6.61
N ASP B 321 25.69 -1.92 7.58
CA ASP B 321 24.71 -1.08 8.26
C ASP B 321 23.87 -0.28 7.26
N ALA B 322 22.61 -0.06 7.61
CA ALA B 322 21.77 0.85 6.82
C ALA B 322 22.32 2.28 6.87
N THR B 323 22.56 2.80 8.06
CA THR B 323 23.13 4.13 8.29
C THR B 323 24.08 4.06 9.47
N HIS B 324 24.91 5.10 9.62
CA HIS B 324 26.05 5.06 10.53
C HIS B 324 26.73 6.43 10.61
N PHE B 325 27.06 6.89 11.81
CA PHE B 325 27.55 8.25 12.02
C PHE B 325 28.72 8.21 12.98
N VAL B 326 29.85 8.80 12.58
CA VAL B 326 31.09 8.73 13.34
C VAL B 326 31.57 10.14 13.65
N ASN B 327 31.65 10.48 14.94
CA ASN B 327 32.12 11.82 15.35
C ASN B 327 31.29 12.90 14.67
N CYS B 328 29.98 12.68 14.55
CA CYS B 328 29.09 13.70 14.00
C CYS B 328 28.59 14.64 15.09
N THR B 329 28.18 15.83 14.67
CA THR B 329 27.71 16.88 15.57
C THR B 329 26.41 17.47 15.03
N GLY B 330 25.90 18.48 15.75
CA GLY B 330 24.64 19.08 15.31
C GLY B 330 23.48 18.14 15.57
N LYS B 331 22.53 18.10 14.64
CA LYS B 331 21.36 17.24 14.77
C LYS B 331 21.42 16.10 13.75
N ILE B 332 21.20 14.89 14.23
CA ILE B 332 21.06 13.72 13.36
C ILE B 332 19.60 13.25 13.42
N LYS B 333 18.86 13.54 12.37
CA LYS B 333 17.44 13.20 12.28
C LYS B 333 17.25 12.03 11.32
N LEU B 334 16.70 10.92 11.83
CA LEU B 334 16.16 9.82 11.04
C LEU B 334 14.66 9.82 11.28
N ILE B 335 13.91 10.27 10.27
CA ILE B 335 12.47 10.51 10.36
C ILE B 335 11.74 9.68 9.30
N ASP B 336 10.86 8.78 9.74
CA ASP B 336 9.88 8.11 8.85
C ASP B 336 10.56 7.34 7.73
N ASN B 337 11.61 6.61 8.07
CA ASN B 337 12.30 5.76 7.12
C ASN B 337 11.93 4.31 7.37
N LEU B 338 12.19 3.48 6.37
CA LEU B 338 12.14 2.03 6.47
C LEU B 338 13.56 1.51 6.28
N PHE B 339 14.05 0.74 7.24
CA PHE B 339 15.36 0.12 7.18
C PHE B 339 15.17 -1.39 7.31
N GLU B 340 15.27 -2.12 6.20
CA GLU B 340 15.00 -3.55 6.29
C GLU B 340 16.04 -4.35 5.51
N SER B 341 16.37 -5.52 6.06
CA SER B 341 17.11 -6.61 5.41
C SER B 341 18.60 -6.33 5.24
N GLN B 342 19.14 -5.25 5.81
CA GLN B 342 20.59 -5.03 5.72
C GLN B 342 21.32 -6.03 6.62
N LYS B 343 22.62 -6.23 6.36
CA LYS B 343 23.31 -7.29 7.10
C LYS B 343 23.79 -6.84 8.47
N ASP B 344 23.64 -5.58 8.83
CA ASP B 344 24.07 -5.08 10.13
C ASP B 344 23.02 -4.15 10.72
N ASP B 345 23.45 -3.23 11.57
CA ASP B 345 22.52 -2.42 12.35
C ASP B 345 21.80 -1.40 11.46
N ALA B 346 20.67 -0.91 11.95
CA ALA B 346 19.95 0.10 11.20
C ALA B 346 20.60 1.46 11.37
N THR B 347 21.10 1.76 12.57
CA THR B 347 21.94 2.92 12.75
C THR B 347 22.91 2.68 13.90
N ASN B 348 23.91 3.54 13.96
CA ASN B 348 24.94 3.52 14.99
C ASN B 348 25.54 4.91 14.97
N ILE B 349 25.48 5.61 16.11
CA ILE B 349 25.95 6.97 16.24
C ILE B 349 26.97 6.97 17.38
N HIS B 350 28.24 7.18 17.04
CA HIS B 350 29.31 6.98 18.01
C HIS B 350 30.49 7.89 17.71
N GLY B 351 31.47 7.85 18.61
CA GLY B 351 32.73 8.52 18.43
C GLY B 351 33.88 7.52 18.25
N VAL B 352 35.08 8.07 18.19
CA VAL B 352 36.30 7.29 17.99
C VAL B 352 37.17 7.37 19.24
N TYR B 353 37.56 6.22 19.77
CA TYR B 353 38.72 6.16 20.66
C TYR B 353 39.95 5.81 19.84
N ALA B 354 41.08 6.44 20.17
CA ALA B 354 42.37 6.05 19.64
C ALA B 354 43.27 5.66 20.82
N ALA B 355 43.92 4.51 20.75
CA ALA B 355 44.74 4.07 21.87
C ALA B 355 46.01 4.92 21.99
N ILE B 356 46.43 5.14 23.23
CA ILE B 356 47.74 5.71 23.52
C ILE B 356 48.78 4.64 23.26
N ASP B 357 49.46 4.74 22.12
CA ASP B 357 50.43 3.72 21.74
C ASP B 357 51.78 3.96 22.41
N LYS B 358 52.15 5.21 22.63
CA LYS B 358 53.48 5.53 23.12
C LYS B 358 53.40 6.81 23.95
N ILE B 359 53.94 6.77 25.15
CA ILE B 359 54.19 7.97 25.95
C ILE B 359 55.54 8.53 25.51
N ILE B 360 55.54 9.75 24.96
CA ILE B 360 56.81 10.39 24.59
C ILE B 360 57.44 11.09 25.79
N ASP B 361 56.68 12.01 26.41
CA ASP B 361 57.10 12.63 27.65
C ASP B 361 55.83 12.92 28.46
N ASP B 362 55.97 13.69 29.55
CA ASP B 362 54.85 13.94 30.45
C ASP B 362 53.73 14.76 29.80
N LYS B 363 53.96 15.29 28.60
CA LYS B 363 53.01 16.12 27.88
C LYS B 363 52.60 15.54 26.54
N THR B 364 53.25 14.47 26.09
CA THR B 364 53.21 14.10 24.68
C THR B 364 53.01 12.60 24.51
N VAL B 365 52.05 12.23 23.67
CA VAL B 365 51.78 10.84 23.37
C VAL B 365 51.66 10.67 21.86
N GLU B 366 51.81 9.43 21.43
CA GLU B 366 51.47 9.02 20.08
C GLU B 366 50.24 8.13 20.19
N ILE B 367 49.17 8.53 19.54
CA ILE B 367 47.98 7.70 19.51
C ILE B 367 48.01 6.91 18.22
N LYS B 368 47.39 5.72 18.25
CA LYS B 368 47.30 4.84 17.10
C LYS B 368 45.85 4.42 16.93
N LEU B 369 45.31 4.61 15.74
CA LEU B 369 44.03 4.02 15.41
C LEU B 369 44.13 2.49 15.42
N GLN B 370 43.12 1.83 15.97
CA GLN B 370 43.23 0.42 16.33
C GLN B 370 42.55 -0.53 15.33
N HIS B 371 41.31 -0.25 14.98
CA HIS B 371 40.60 -1.16 14.07
C HIS B 371 40.94 -0.82 12.62
N PRO B 372 41.25 -1.82 11.79
CA PRO B 372 41.66 -1.53 10.40
C PRO B 372 40.69 -0.64 9.66
N GLN B 373 39.39 -0.77 9.93
CA GLN B 373 38.44 0.08 9.22
C GLN B 373 38.37 1.49 9.79
N GLN B 374 39.24 1.83 10.75
CA GLN B 374 39.39 3.19 11.24
C GLN B 374 40.65 3.88 10.75
N PHE B 375 41.56 3.17 10.10
CA PHE B 375 42.81 3.78 9.65
C PHE B 375 42.50 5.01 8.78
N GLY B 376 43.32 6.04 8.93
CA GLY B 376 43.15 7.24 8.14
C GLY B 376 42.11 8.20 8.66
N PHE B 377 41.47 7.88 9.78
CA PHE B 377 40.52 8.76 10.46
C PHE B 377 41.28 9.80 11.28
N ASP B 378 41.50 10.97 10.67
CA ASP B 378 42.15 12.09 11.33
C ASP B 378 41.09 12.90 12.06
N PHE B 379 41.28 13.15 13.35
CA PHE B 379 40.33 13.99 14.05
C PHE B 379 40.92 14.90 15.12
N ILE B 380 42.21 14.82 15.41
CA ILE B 380 42.77 15.58 16.52
C ILE B 380 43.55 16.76 15.96
N ALA B 381 43.18 17.96 16.38
CA ALA B 381 43.79 19.20 15.94
C ALA B 381 44.11 20.07 17.15
N PRO B 382 45.00 21.05 17.00
CA PRO B 382 45.25 21.99 18.10
C PRO B 382 43.98 22.71 18.53
N GLU B 383 43.91 23.01 19.84
CA GLU B 383 42.77 23.59 20.55
C GLU B 383 41.69 22.56 20.89
N ASP B 384 41.70 21.38 20.27
CA ASP B 384 40.74 20.36 20.64
C ASP B 384 40.98 19.90 22.06
N GLU B 385 39.90 19.53 22.73
CA GLU B 385 39.97 18.86 24.01
C GLU B 385 39.73 17.38 23.82
N LEU B 386 40.47 16.57 24.56
CA LEU B 386 40.34 15.12 24.53
C LEU B 386 39.99 14.62 25.92
N GLU B 387 39.13 13.63 25.97
CA GLU B 387 39.01 12.79 27.15
C GLU B 387 40.16 11.80 27.18
N LEU B 388 40.76 11.62 28.36
CA LEU B 388 41.81 10.63 28.54
C LEU B 388 41.19 9.53 29.40
N VAL B 389 41.05 8.35 28.81
CA VAL B 389 40.12 7.33 29.29
C VAL B 389 40.88 6.07 29.66
N HIS B 390 40.63 5.56 30.86
CA HIS B 390 41.15 4.26 31.26
C HIS B 390 40.47 3.14 30.47
N GLY B 391 41.28 2.30 29.81
CA GLY B 391 40.74 1.43 28.77
C GLY B 391 39.79 0.36 29.28
N ALA B 392 40.17 -0.34 30.36
CA ALA B 392 39.38 -1.48 30.80
C ALA B 392 38.12 -1.08 31.55
N SER B 393 38.00 0.18 31.96
CA SER B 393 36.86 0.65 32.73
C SER B 393 36.01 1.67 32.00
N LEU B 394 36.54 2.31 30.95
CA LEU B 394 35.87 3.42 30.25
C LEU B 394 35.63 4.60 31.19
N ILE B 395 36.45 4.75 32.21
CA ILE B 395 36.32 5.89 33.10
C ILE B 395 37.27 6.96 32.61
N THR B 396 36.81 8.21 32.60
CA THR B 396 37.62 9.32 32.13
C THR B 396 38.49 9.87 33.26
N TYR B 397 39.82 9.78 33.08
CA TYR B 397 40.75 10.39 34.03
C TYR B 397 40.59 11.89 34.09
N GLU B 398 40.59 12.54 32.93
CA GLU B 398 40.63 14.00 32.86
C GLU B 398 40.35 14.38 31.42
N THR B 399 40.16 15.67 31.19
CA THR B 399 40.23 16.23 29.85
C THR B 399 41.46 17.13 29.75
N ASN B 400 42.02 17.22 28.54
CA ASN B 400 43.24 17.98 28.30
C ASN B 400 43.16 18.61 26.91
N LYS B 401 43.74 19.79 26.75
CA LYS B 401 43.68 20.52 25.48
C LYS B 401 44.94 20.25 24.65
N VAL B 402 44.75 19.93 23.37
CA VAL B 402 45.85 19.71 22.43
C VAL B 402 46.47 21.06 22.04
N VAL B 403 47.80 21.11 22.00
CA VAL B 403 48.49 22.21 21.33
C VAL B 403 49.30 21.75 20.12
N THR B 404 49.55 20.46 19.98
CA THR B 404 50.31 19.98 18.83
C THR B 404 49.71 18.66 18.36
N SER B 405 49.45 18.56 17.07
CA SER B 405 48.94 17.34 16.45
C SER B 405 49.71 17.10 15.17
N THR B 406 50.43 15.98 15.11
CA THR B 406 51.25 15.68 13.93
C THR B 406 50.89 14.30 13.42
N ARG B 407 50.31 14.27 12.23
CA ARG B 407 49.95 13.01 11.57
C ARG B 407 51.23 12.32 11.10
N VAL B 408 51.53 11.16 11.67
CA VAL B 408 52.70 10.38 11.22
C VAL B 408 52.33 9.40 10.10
N SER B 409 51.16 8.77 10.16
CA SER B 409 50.77 7.76 9.17
C SER B 409 49.26 7.68 9.17
N ASN B 410 48.69 6.72 8.42
CA ASN B 410 47.26 6.52 8.53
C ASN B 410 46.90 5.75 9.80
N GLU B 411 47.86 5.52 10.68
CA GLU B 411 47.59 4.91 11.97
C GLU B 411 47.95 5.80 13.13
N VAL B 412 49.09 6.48 13.07
CA VAL B 412 49.69 7.11 14.24
C VAL B 412 49.65 8.62 14.09
N THR B 413 49.32 9.29 15.19
CA THR B 413 49.41 10.75 15.31
C THR B 413 50.09 11.10 16.62
N ARG B 414 51.03 12.04 16.57
CA ARG B 414 51.68 12.55 17.76
C ARG B 414 50.92 13.75 18.30
N VAL B 415 50.58 13.69 19.59
CA VAL B 415 49.72 14.68 20.25
C VAL B 415 50.43 15.22 21.49
N GLN B 416 50.50 16.54 21.60
CA GLN B 416 51.06 17.19 22.78
C GLN B 416 50.01 18.06 23.44
N PHE B 417 49.96 18.01 24.77
CA PHE B 417 48.95 18.68 25.56
C PHE B 417 49.47 19.99 26.13
N ILE B 418 48.52 20.83 26.55
CA ILE B 418 48.88 22.12 27.11
C ILE B 418 49.52 21.94 28.47
N LYS B 419 49.12 20.92 29.22
CA LYS B 419 49.67 20.63 30.53
C LYS B 419 50.02 19.15 30.59
N PRO B 420 50.89 18.74 31.52
CA PRO B 420 51.17 17.30 31.66
C PRO B 420 49.90 16.55 32.00
N PHE B 421 49.73 15.37 31.39
CA PHE B 421 48.50 14.63 31.59
C PHE B 421 48.57 13.82 32.88
N ASP B 422 47.39 13.40 33.34
CA ASP B 422 47.24 12.57 34.54
C ASP B 422 48.26 11.46 34.58
N SER B 423 49.07 11.43 35.65
CA SER B 423 50.20 10.51 35.71
C SER B 423 49.78 9.04 35.78
N ARG B 424 48.51 8.75 36.00
CA ARG B 424 48.02 7.38 35.98
C ARG B 424 47.85 6.81 34.57
N ILE B 425 47.90 7.65 33.54
CA ILE B 425 47.73 7.18 32.17
C ILE B 425 48.89 6.27 31.78
N LYS B 426 48.57 5.20 31.05
CA LYS B 426 49.54 4.25 30.53
C LYS B 426 49.23 3.96 29.08
N GLU B 427 50.25 3.45 28.38
CA GLU B 427 50.02 2.89 27.06
C GLU B 427 48.96 1.79 27.17
N GLY B 428 48.03 1.77 26.22
CA GLY B 428 46.87 0.92 26.29
C GLY B 428 45.60 1.66 26.64
N ASP B 429 45.69 2.77 27.37
CA ASP B 429 44.54 3.64 27.56
C ASP B 429 44.19 4.33 26.23
N SER B 430 43.12 5.12 26.23
CA SER B 430 42.63 5.72 24.98
C SER B 430 42.31 7.18 25.16
N VAL B 431 42.15 7.85 24.02
CA VAL B 431 41.67 9.22 23.99
C VAL B 431 40.49 9.30 23.05
N SER B 432 39.62 10.28 23.29
CA SER B 432 38.55 10.61 22.36
C SER B 432 38.28 12.11 22.44
N LYS B 433 37.82 12.68 21.33
CA LYS B 433 37.63 14.13 21.26
C LYS B 433 36.34 14.52 21.94
N VAL B 434 36.40 15.54 22.81
CA VAL B 434 35.19 16.14 23.35
C VAL B 434 34.55 16.98 22.24
N ARG B 435 33.31 16.65 21.89
CA ARG B 435 32.62 17.31 20.80
C ARG B 435 31.29 17.87 21.30
N SER B 436 30.67 18.66 20.43
CA SER B 436 29.25 18.98 20.56
C SER B 436 28.50 17.76 20.04
N TYR B 437 28.37 16.76 20.92
CA TYR B 437 27.83 15.47 20.51
C TYR B 437 26.46 15.66 19.87
N ALA B 438 26.20 14.83 18.87
CA ALA B 438 24.98 14.93 18.09
C ALA B 438 23.74 14.79 18.96
N GLU B 439 22.82 15.72 18.81
CA GLU B 439 21.46 15.54 19.27
C GLU B 439 20.75 14.62 18.29
N VAL B 440 20.30 13.47 18.78
CA VAL B 440 19.81 12.37 17.96
C VAL B 440 18.29 12.32 18.06
N ILE B 441 17.61 12.41 16.91
CA ILE B 441 16.17 12.34 16.83
C ILE B 441 15.83 11.22 15.87
N ILE B 442 15.25 10.14 16.39
CA ILE B 442 14.95 8.94 15.60
C ILE B 442 13.47 8.63 15.78
N LYS B 443 12.64 9.08 14.83
CA LYS B 443 11.20 9.02 15.01
C LYS B 443 10.54 8.45 13.77
N GLY B 444 9.56 7.57 13.97
CA GLY B 444 8.72 7.10 12.91
C GLY B 444 9.35 6.10 11.97
N ASN B 445 10.41 5.43 12.38
CA ASN B 445 11.10 4.50 11.51
C ASN B 445 10.56 3.09 11.71
N ILE B 446 10.78 2.27 10.69
CA ILE B 446 10.45 0.85 10.73
C ILE B 446 11.73 0.08 10.51
N ILE B 447 12.03 -0.81 11.44
CA ILE B 447 13.33 -1.48 11.52
C ILE B 447 13.05 -2.97 11.63
N ARG B 448 13.32 -3.72 10.56
CA ARG B 448 12.93 -5.12 10.56
C ARG B 448 13.76 -5.89 9.55
N LYS B 449 13.82 -7.21 9.75
CA LYS B 449 14.33 -8.21 8.81
C LYS B 449 15.81 -8.07 8.57
N ASN B 450 16.50 -7.13 9.20
CA ASN B 450 17.95 -7.06 9.10
C ASN B 450 18.59 -8.16 9.92
N ARG B 451 19.90 -8.31 9.75
CA ARG B 451 20.59 -9.45 10.36
C ARG B 451 20.77 -9.27 11.87
N ALA B 452 21.32 -8.14 12.32
CA ALA B 452 21.88 -8.04 13.67
C ALA B 452 20.99 -7.15 14.54
N ARG B 453 21.54 -6.13 15.18
CA ARG B 453 20.87 -5.21 16.09
C ARG B 453 20.00 -4.22 15.31
N GLY B 454 19.11 -3.56 16.04
CA GLY B 454 18.37 -2.45 15.46
C GLY B 454 19.16 -1.15 15.50
N MET B 455 19.57 -0.73 16.70
CA MET B 455 20.26 0.54 16.89
C MET B 455 21.35 0.36 17.92
N LEU B 456 22.56 0.74 17.57
CA LEU B 456 23.59 1.01 18.56
C LEU B 456 23.47 2.49 18.94
N LEU B 457 23.07 2.75 20.17
CA LEU B 457 22.96 4.12 20.66
C LEU B 457 24.18 4.41 21.54
N ASN B 458 25.21 4.94 20.90
CA ASN B 458 26.44 5.35 21.55
C ASN B 458 26.56 6.87 21.55
N SER B 459 25.40 7.53 21.54
CA SER B 459 25.28 8.98 21.42
C SER B 459 25.26 9.61 22.81
N ARG B 460 26.30 10.37 23.14
CA ARG B 460 26.36 11.09 24.39
C ARG B 460 25.47 12.35 24.39
N GLY B 461 25.08 12.84 23.22
CA GLY B 461 24.17 13.97 23.17
C GLY B 461 22.72 13.57 23.49
N LYS B 462 21.86 14.59 23.58
CA LYS B 462 20.45 14.34 23.86
C LYS B 462 19.85 13.47 22.78
N THR B 463 19.27 12.33 23.19
CA THR B 463 18.82 11.29 22.28
C THR B 463 17.34 11.01 22.50
N LEU B 464 16.56 11.06 21.42
CA LEU B 464 15.13 10.79 21.44
C LEU B 464 14.83 9.64 20.47
N ILE B 465 14.40 8.50 21.00
CA ILE B 465 13.95 7.35 20.21
C ILE B 465 12.45 7.25 20.39
N GLU B 466 11.68 7.65 19.39
CA GLU B 466 10.23 7.75 19.54
C GLU B 466 9.51 7.18 18.34
N ASN B 467 8.46 6.38 18.61
CA ASN B 467 7.49 5.96 17.59
C ASN B 467 8.16 5.16 16.46
N ASN B 468 9.10 4.31 16.82
CA ASN B 468 9.74 3.40 15.88
C ASN B 468 9.23 1.99 16.10
N TYR B 469 9.20 1.20 15.03
CA TYR B 469 8.89 -0.23 15.08
C TYR B 469 10.17 -1.05 14.92
N PHE B 470 10.38 -2.01 15.81
CA PHE B 470 11.56 -2.87 15.78
C PHE B 470 11.11 -4.31 15.66
N HIS B 471 11.58 -5.00 14.63
CA HIS B 471 11.48 -6.46 14.64
C HIS B 471 12.85 -6.98 14.24
N THR B 472 13.69 -7.21 15.24
CA THR B 472 15.07 -7.52 14.92
C THR B 472 15.47 -8.87 15.51
N PRO B 473 16.39 -9.58 14.87
CA PRO B 473 16.91 -10.81 15.46
C PRO B 473 17.81 -10.56 16.64
N GLY B 474 18.58 -9.48 16.60
CA GLY B 474 19.41 -9.08 17.72
C GLY B 474 18.68 -8.09 18.60
N SER B 475 19.42 -7.56 19.57
CA SER B 475 18.92 -6.47 20.39
C SER B 475 18.35 -5.37 19.51
N ALA B 476 17.12 -4.95 19.83
CA ALA B 476 16.54 -3.82 19.12
C ALA B 476 17.33 -2.55 19.40
N ILE B 477 17.81 -2.40 20.63
CA ILE B 477 18.55 -1.23 21.07
C ILE B 477 19.70 -1.72 21.94
N LEU B 478 20.92 -1.30 21.61
CA LEU B 478 22.11 -1.76 22.32
C LEU B 478 23.00 -0.57 22.66
N PHE B 479 23.40 -0.49 23.93
CA PHE B 479 24.39 0.49 24.40
C PHE B 479 25.73 -0.23 24.42
N GLU B 480 26.64 0.19 23.53
CA GLU B 480 27.90 -0.53 23.42
C GLU B 480 29.10 0.40 23.62
N GLY B 481 30.02 0.39 22.66
CA GLY B 481 31.27 1.10 22.82
C GLY B 481 32.30 0.27 23.57
N ASP B 482 33.57 0.49 23.22
CA ASP B 482 34.67 -0.16 23.90
C ASP B 482 35.95 0.56 23.54
N ALA B 483 36.98 0.36 24.34
CA ALA B 483 38.35 0.77 24.01
C ALA B 483 39.28 -0.45 23.99
N ASN B 484 38.82 -1.53 23.35
CA ASN B 484 39.63 -2.74 23.22
C ASN B 484 39.46 -3.48 21.90
N PHE B 485 38.43 -3.19 21.10
CA PHE B 485 38.32 -3.85 19.80
C PHE B 485 37.80 -2.89 18.74
N TRP B 486 36.50 -2.55 18.79
CA TRP B 486 35.94 -1.55 17.87
C TRP B 486 36.48 -0.16 18.14
N PHE B 487 36.92 0.11 19.37
CA PHE B 487 37.40 1.43 19.80
C PHE B 487 36.42 2.53 19.42
N GLU B 488 35.17 2.34 19.83
CA GLU B 488 34.11 3.31 19.59
C GLU B 488 33.70 3.92 20.92
N GLN B 489 33.62 5.24 20.95
CA GLN B 489 33.20 5.96 22.14
C GLN B 489 31.68 6.05 22.18
N GLY B 490 31.11 5.64 23.29
CA GLY B 490 29.68 5.77 23.50
C GLY B 490 29.44 6.45 24.82
N GLY B 491 28.54 5.89 25.64
CA GLY B 491 28.24 6.45 26.93
C GLY B 491 27.17 7.53 26.88
N VAL B 492 25.92 7.13 27.02
CA VAL B 492 24.80 8.06 26.91
C VAL B 492 24.70 8.90 28.18
N SER B 493 24.14 10.10 28.02
CA SER B 493 23.87 10.99 29.14
C SER B 493 22.42 11.50 29.18
N ASP B 494 21.60 11.19 28.18
CA ASP B 494 20.24 11.72 28.12
C ASP B 494 19.43 11.04 27.01
N VAL B 495 18.69 10.00 27.37
CA VAL B 495 18.03 9.10 26.43
C VAL B 495 16.56 8.96 26.80
N THR B 496 15.67 9.30 25.88
CA THR B 496 14.25 9.04 26.00
C THR B 496 13.87 7.99 24.95
N ILE B 497 13.34 6.86 25.42
CA ILE B 497 12.84 5.80 24.54
C ILE B 497 11.35 5.70 24.82
N LYS B 498 10.53 6.28 23.94
CA LYS B 498 9.09 6.39 24.20
C LYS B 498 8.24 6.01 22.99
N ASN B 499 7.10 5.38 23.27
CA ASN B 499 6.06 5.14 22.27
C ASN B 499 6.59 4.36 21.06
N ASN B 500 7.53 3.45 21.28
CA ASN B 500 7.98 2.51 20.28
C ASN B 500 7.23 1.19 20.44
N VAL B 501 7.21 0.38 19.38
CA VAL B 501 6.71 -0.99 19.45
C VAL B 501 7.87 -1.95 19.17
N PHE B 502 8.19 -2.80 20.15
CA PHE B 502 9.17 -3.87 19.99
C PHE B 502 8.42 -5.20 19.82
N GLU B 503 8.25 -5.65 18.58
CA GLU B 503 7.52 -6.88 18.29
C GLU B 503 8.50 -8.02 18.06
N ASN B 504 8.48 -9.01 18.95
CA ASN B 504 9.29 -10.23 18.83
C ASN B 504 10.73 -9.94 18.40
N SER B 505 11.30 -8.87 18.97
CA SER B 505 12.70 -8.56 18.71
C SER B 505 13.60 -9.42 19.58
N PHE B 506 14.90 -9.40 19.28
CA PHE B 506 15.88 -10.28 19.93
C PHE B 506 15.41 -11.74 19.91
N TYR B 507 14.84 -12.16 18.79
CA TYR B 507 14.34 -13.52 18.68
C TYR B 507 15.43 -14.54 18.40
N SER B 508 16.68 -14.15 18.25
CA SER B 508 17.72 -15.10 17.86
C SER B 508 18.80 -15.22 18.92
N GLN B 509 19.84 -15.98 18.58
CA GLN B 509 20.83 -16.46 19.55
C GLN B 509 21.94 -15.46 19.83
N TRP B 510 21.93 -14.28 19.20
CA TRP B 510 23.06 -13.35 19.24
C TRP B 510 22.64 -12.05 19.90
N GLY B 511 23.07 -11.85 21.15
CA GLY B 511 22.74 -10.64 21.89
C GLY B 511 22.39 -10.94 23.33
N LYS B 512 22.04 -9.91 24.12
CA LYS B 512 21.81 -10.08 25.54
C LYS B 512 20.43 -9.66 26.02
N GLY B 513 19.56 -9.23 25.12
CA GLY B 513 18.24 -8.76 25.52
C GLY B 513 17.68 -7.81 24.49
N ILE B 514 16.41 -7.45 24.68
CA ILE B 514 15.74 -6.57 23.72
C ILE B 514 16.35 -5.17 23.75
N ILE B 515 16.55 -4.62 24.96
CA ILE B 515 17.29 -3.39 25.17
C ILE B 515 18.39 -3.71 26.15
N ALA B 516 19.65 -3.58 25.72
CA ALA B 516 20.75 -4.12 26.50
C ALA B 516 21.96 -3.19 26.50
N VAL B 517 22.81 -3.40 27.50
CA VAL B 517 24.13 -2.80 27.62
C VAL B 517 25.18 -3.88 27.34
N ASP B 518 26.16 -3.54 26.50
CA ASP B 518 27.31 -4.43 26.31
C ASP B 518 28.59 -3.62 26.11
N ALA B 519 28.76 -2.55 26.89
CA ALA B 519 29.98 -1.75 26.84
C ALA B 519 31.18 -2.58 27.27
N GLY B 520 32.34 -2.27 26.68
CA GLY B 520 33.57 -2.99 26.97
C GLY B 520 34.19 -2.63 28.29
N ILE B 521 33.44 -2.83 29.38
CA ILE B 521 33.93 -2.58 30.73
C ILE B 521 34.24 -3.92 31.39
N ASP B 522 35.49 -4.12 31.81
CA ASP B 522 35.87 -5.40 32.39
C ASP B 522 35.08 -5.64 33.68
N ASP B 523 34.82 -6.91 33.99
CA ASP B 523 34.03 -7.23 35.18
C ASP B 523 34.60 -6.56 36.42
N LYS B 524 35.93 -6.48 36.51
CA LYS B 524 36.57 -5.91 37.69
C LYS B 524 36.21 -4.44 37.93
N PHE B 525 35.77 -3.73 36.89
CA PHE B 525 35.44 -2.31 37.01
C PHE B 525 33.96 -2.01 36.81
N LYS B 526 33.12 -3.04 36.61
CA LYS B 526 31.71 -2.77 36.36
C LYS B 526 31.04 -2.10 37.54
N GLU B 527 31.47 -2.40 38.76
CA GLU B 527 30.81 -1.85 39.94
C GLU B 527 31.06 -0.35 40.11
N THR B 528 32.20 0.16 39.64
CA THR B 528 32.52 1.56 39.81
C THR B 528 32.30 2.40 38.55
N SER B 529 32.28 1.80 37.37
CA SER B 529 32.06 2.55 36.14
C SER B 529 30.56 2.81 35.91
N ARG B 530 30.24 4.04 35.53
CA ARG B 530 28.86 4.42 35.19
C ARG B 530 28.87 5.07 33.80
N TYR B 531 29.05 4.24 32.76
CA TYR B 531 29.23 4.73 31.40
C TYR B 531 27.94 5.32 30.82
N ASN B 532 26.78 4.79 31.17
CA ASN B 532 25.50 5.24 30.61
C ASN B 532 24.59 5.77 31.72
N LYS B 533 24.03 6.97 31.50
CA LYS B 533 23.28 7.69 32.52
C LYS B 533 22.05 8.36 31.93
N ASN B 534 20.99 8.41 32.74
CA ASN B 534 19.80 9.25 32.50
C ASN B 534 18.96 8.77 31.34
N ILE B 535 18.28 7.65 31.54
CA ILE B 535 17.55 6.96 30.49
C ILE B 535 16.10 6.81 30.95
N VAL B 536 15.18 7.20 30.07
CA VAL B 536 13.75 7.08 30.33
C VAL B 536 13.17 6.15 29.29
N ILE B 537 12.49 5.10 29.74
CA ILE B 537 11.89 4.12 28.84
C ILE B 537 10.41 4.05 29.20
N LYS B 538 9.57 4.77 28.45
CA LYS B 538 8.17 4.90 28.82
C LYS B 538 7.26 4.79 27.59
N GLY B 539 6.06 4.25 27.84
CA GLY B 539 5.03 4.24 26.82
C GLY B 539 5.25 3.33 25.64
N ASN B 540 6.20 2.40 25.72
CA ASN B 540 6.45 1.45 24.65
C ASN B 540 5.61 0.20 24.83
N THR B 541 5.45 -0.53 23.75
CA THR B 541 4.82 -1.83 23.79
C THR B 541 5.85 -2.87 23.39
N PHE B 542 6.06 -3.85 24.26
CA PHE B 542 6.99 -4.94 24.05
C PHE B 542 6.17 -6.21 23.86
N LYS B 543 6.05 -6.67 22.61
CA LYS B 543 5.41 -7.95 22.30
C LYS B 543 6.52 -8.99 22.29
N VAL B 544 6.55 -9.82 23.33
CA VAL B 544 7.64 -10.76 23.53
C VAL B 544 7.08 -12.17 23.51
N PHE B 545 7.88 -13.11 23.01
CA PHE B 545 7.42 -14.47 22.85
C PHE B 545 7.98 -15.42 23.91
N ASP B 546 9.01 -14.99 24.64
CA ASP B 546 9.46 -15.76 25.79
C ASP B 546 9.91 -14.81 26.89
N LYS B 547 10.82 -15.26 27.75
CA LYS B 547 11.19 -14.47 28.92
C LYS B 547 12.66 -14.04 28.86
N ALA B 548 13.14 -13.80 27.63
CA ALA B 548 14.42 -13.13 27.47
C ALA B 548 14.35 -11.72 28.04
N PRO B 549 15.49 -11.16 28.46
CA PRO B 549 15.47 -9.82 29.07
C PRO B 549 14.90 -8.76 28.14
N ILE B 550 13.87 -8.07 28.60
CA ILE B 550 13.50 -6.80 28.00
C ILE B 550 14.60 -5.78 28.21
N LEU B 551 15.13 -5.71 29.43
CA LEU B 551 16.26 -4.87 29.79
C LEU B 551 17.34 -5.76 30.38
N ASN B 552 18.56 -5.58 29.89
CA ASN B 552 19.75 -6.25 30.43
C ASN B 552 20.82 -5.17 30.58
N LEU B 553 21.03 -4.73 31.81
CA LEU B 553 21.80 -3.54 32.10
C LEU B 553 23.02 -3.88 32.96
N PHE B 554 24.11 -3.15 32.73
CA PHE B 554 25.18 -3.03 33.70
C PHE B 554 25.83 -1.66 33.56
N SER B 555 26.40 -1.18 34.67
CA SER B 555 27.07 0.13 34.72
C SER B 555 26.16 1.26 34.27
N VAL B 556 24.90 1.19 34.68
CA VAL B 556 23.92 2.24 34.41
C VAL B 556 23.60 2.97 35.68
N SER B 557 23.52 4.29 35.59
CA SER B 557 22.97 5.11 36.66
C SER B 557 21.73 5.81 36.12
N ASN B 558 20.63 5.69 36.87
CA ASN B 558 19.42 6.48 36.66
C ASN B 558 18.65 6.08 35.39
N LEU B 559 17.97 4.95 35.43
CA LEU B 559 17.06 4.51 34.38
C LEU B 559 15.67 4.31 34.97
N VAL B 560 14.65 4.84 34.30
CA VAL B 560 13.26 4.69 34.70
C VAL B 560 12.51 3.95 33.60
N PHE B 561 11.87 2.84 33.98
CA PHE B 561 11.09 2.00 33.07
C PHE B 561 9.64 2.03 33.56
N GLU B 562 8.78 2.78 32.89
CA GLU B 562 7.44 3.05 33.41
C GLU B 562 6.44 3.16 32.27
N ASN B 563 5.16 2.88 32.58
CA ASN B 563 4.02 3.00 31.65
C ASN B 563 4.28 2.28 30.33
N ASN B 564 4.85 1.09 30.41
CA ASN B 564 5.03 0.24 29.25
C ASN B 564 4.05 -0.93 29.30
N ILE B 565 3.67 -1.38 28.12
CA ILE B 565 2.83 -2.56 27.96
C ILE B 565 3.74 -3.70 27.52
N ILE B 566 3.61 -4.84 28.20
CA ILE B 566 4.36 -6.04 27.87
C ILE B 566 3.34 -7.13 27.55
N GLU B 567 3.36 -7.61 26.30
CA GLU B 567 2.36 -8.53 25.79
C GLU B 567 3.04 -9.82 25.37
N LYS B 568 2.55 -10.94 25.88
CA LYS B 568 3.10 -12.25 25.55
C LYS B 568 2.59 -12.68 24.17
N THR B 569 3.46 -13.33 23.40
CA THR B 569 3.09 -13.94 22.14
C THR B 569 3.62 -15.37 22.08
N THR B 570 3.26 -16.07 21.02
CA THR B 570 3.81 -17.37 20.69
C THR B 570 4.41 -17.34 19.27
N GLU B 571 5.09 -16.24 18.94
CA GLU B 571 5.58 -16.07 17.58
C GLU B 571 6.69 -17.06 17.26
N TYR B 572 7.60 -17.29 18.19
CA TYR B 572 8.71 -18.21 18.03
C TYR B 572 8.76 -19.13 19.24
N PRO B 573 9.38 -20.30 19.12
CA PRO B 573 9.51 -21.18 20.28
C PRO B 573 10.24 -20.49 21.44
N GLU B 574 9.82 -20.85 22.66
CA GLU B 574 10.42 -20.27 23.86
C GLU B 574 11.80 -20.88 24.09
N ARG B 575 12.76 -20.02 24.45
CA ARG B 575 14.11 -20.47 24.80
C ARG B 575 14.20 -20.66 26.31
N LYS B 576 14.32 -21.91 26.75
CA LYS B 576 14.30 -22.21 28.17
C LYS B 576 15.46 -21.59 28.93
N LYS B 577 16.50 -21.12 28.24
CA LYS B 577 17.62 -20.50 28.93
C LYS B 577 17.24 -19.18 29.60
N TYR B 578 16.11 -18.59 29.21
CA TYR B 578 15.70 -17.26 29.67
C TYR B 578 14.49 -17.37 30.60
N ASN B 579 14.63 -16.82 31.80
CA ASN B 579 13.57 -16.83 32.80
C ASN B 579 13.57 -15.52 33.57
N SER B 580 13.83 -14.41 32.88
CA SER B 580 13.94 -13.12 33.56
C SER B 580 13.83 -11.98 32.56
N LEU B 581 12.77 -11.17 32.70
CA LEU B 581 12.57 -10.00 31.84
C LEU B 581 13.48 -8.82 32.20
N PHE B 582 14.11 -8.82 33.37
CA PHE B 582 14.91 -7.68 33.82
C PHE B 582 16.16 -8.20 34.50
N VAL B 583 17.31 -8.03 33.85
CA VAL B 583 18.61 -8.45 34.35
C VAL B 583 19.43 -7.20 34.58
N ILE B 584 19.65 -6.85 35.84
CA ILE B 584 20.31 -5.61 36.21
C ILE B 584 21.51 -5.97 37.07
N ASN B 585 22.68 -5.45 36.70
CA ASN B 585 23.92 -5.66 37.42
C ASN B 585 24.66 -4.34 37.54
N ASN B 586 25.37 -4.17 38.65
CA ASN B 586 26.30 -3.05 38.81
C ASN B 586 25.69 -1.72 38.34
N SER B 587 24.47 -1.45 38.79
CA SER B 587 23.75 -0.25 38.41
C SER B 587 23.14 0.36 39.65
N ASP B 588 22.72 1.62 39.53
CA ASP B 588 22.08 2.31 40.64
C ASP B 588 20.95 3.16 40.10
N ASN B 589 19.96 3.40 40.94
CA ASN B 589 18.82 4.24 40.61
C ASN B 589 18.08 3.72 39.38
N ILE B 590 17.83 2.42 39.36
CA ILE B 590 17.00 1.78 38.34
C ILE B 590 15.59 1.57 38.90
N THR B 591 14.61 2.20 38.27
CA THR B 591 13.21 2.09 38.65
C THR B 591 12.50 1.21 37.62
N ILE B 592 12.03 0.04 38.08
CA ILE B 592 11.12 -0.80 37.30
C ILE B 592 9.74 -0.59 37.94
N SER B 593 8.97 0.35 37.41
CA SER B 593 7.74 0.77 38.08
C SER B 593 6.67 -0.32 38.05
N ILE B 594 5.77 -0.27 39.03
CA ILE B 594 4.63 -1.18 39.04
C ILE B 594 3.53 -0.72 38.11
N ASN B 595 3.58 0.52 37.61
CA ASN B 595 2.57 0.94 36.65
C ASN B 595 2.79 0.35 35.27
N ASN B 596 3.83 -0.44 35.09
CA ASN B 596 3.94 -1.21 33.87
C ASN B 596 2.86 -2.27 33.84
N ILE B 597 2.40 -2.58 32.63
CA ILE B 597 1.23 -3.41 32.40
C ILE B 597 1.67 -4.72 31.78
N LEU B 598 1.19 -5.83 32.33
CA LEU B 598 1.48 -7.16 31.79
C LEU B 598 0.19 -7.79 31.25
N GLN B 599 0.33 -8.45 30.10
CA GLN B 599 -0.80 -9.01 29.39
C GLN B 599 -0.44 -10.39 28.88
N GLY B 600 -1.24 -11.39 29.23
CA GLY B 600 -1.12 -12.70 28.65
C GLY B 600 -0.10 -13.63 29.25
N PHE B 601 0.46 -13.31 30.42
CA PHE B 601 1.44 -14.18 31.06
C PHE B 601 0.77 -15.07 32.10
N SER B 602 1.44 -16.18 32.44
CA SER B 602 0.91 -17.04 33.50
C SER B 602 1.28 -16.51 34.89
N GLU B 603 2.54 -16.10 35.07
CA GLU B 603 3.02 -15.65 36.37
C GLU B 603 2.44 -14.29 36.74
N GLY B 604 2.50 -13.98 38.04
CA GLY B 604 2.01 -12.70 38.52
C GLY B 604 2.97 -11.54 38.24
N LYS B 605 2.42 -10.33 38.34
CA LYS B 605 3.19 -9.13 38.05
C LYS B 605 4.44 -9.01 38.94
N SER B 606 4.29 -9.28 40.24
CA SER B 606 5.39 -8.99 41.15
C SER B 606 6.58 -9.91 40.93
N GLN B 607 6.33 -11.14 40.45
CA GLN B 607 7.40 -12.01 40.02
C GLN B 607 8.03 -11.53 38.71
N LEU B 608 7.21 -11.07 37.78
CA LEU B 608 7.69 -10.80 36.43
C LEU B 608 8.44 -9.47 36.32
N LEU B 609 8.13 -8.51 37.19
CA LEU B 609 8.83 -7.23 37.21
C LEU B 609 10.02 -7.23 38.15
N SER B 610 10.31 -8.34 38.83
CA SER B 610 11.42 -8.35 39.79
C SER B 610 12.73 -8.65 39.08
N PRO B 611 13.70 -7.74 39.13
CA PRO B 611 14.95 -7.94 38.39
C PRO B 611 15.83 -8.99 39.06
N THR B 612 16.67 -9.62 38.25
CA THR B 612 17.63 -10.62 38.71
C THR B 612 19.03 -10.25 38.22
N THR B 613 20.02 -11.06 38.60
CA THR B 613 21.38 -10.89 38.10
C THR B 613 21.72 -11.83 36.95
N THR B 614 20.99 -12.94 36.80
CA THR B 614 21.24 -13.94 35.78
C THR B 614 20.03 -14.05 34.87
N TYR B 615 20.25 -14.72 33.73
CA TYR B 615 19.13 -15.07 32.85
C TYR B 615 18.11 -15.95 33.57
N LYS B 616 18.59 -16.91 34.38
CA LYS B 616 17.74 -17.90 35.06
C LYS B 616 17.89 -17.80 36.58
C1 GLA C . -27.15 3.07 -5.21
C2 GLA C . -28.15 2.12 -5.86
C3 GLA C . -29.43 2.04 -5.11
C4 GLA C . -29.21 1.68 -3.66
C5 GLA C . -28.19 2.65 -3.02
C6 GLA C . -27.80 2.17 -1.66
O1 GLA C . -27.58 4.37 -5.28
O2 GLA C . -28.39 2.64 -7.19
O3 GLA C . -30.29 1.04 -5.71
O4 GLA C . -28.72 0.33 -3.58
O5 GLA C . -26.94 2.73 -3.77
O6 GLA C . -27.23 3.25 -0.97
NI NI D . -25.06 -11.56 0.32
C1 GAL E . -18.34 23.96 -9.74
C2 GAL E . -18.78 25.37 -9.30
C3 GAL E . -18.65 26.35 -10.45
C4 GAL E . -17.20 26.41 -10.88
C5 GAL E . -16.70 24.98 -11.18
C6 GAL E . -15.20 24.85 -11.27
O1 GAL E . -18.36 23.05 -8.64
O2 GAL E . -20.14 25.39 -8.88
O3 GAL E . -19.01 27.68 -10.06
O4 GAL E . -16.43 27.00 -9.85
O5 GAL E . -17.03 23.99 -10.18
O6 GAL E . -14.86 23.52 -11.62
CL CL F . -32.07 -3.37 21.33
C1 GLA G . 28.51 -3.01 13.23
C2 GLA G . 29.32 -2.09 12.31
C3 GLA G . 30.76 -2.08 12.66
C4 GLA G . 30.97 -1.67 14.10
C5 GLA G . 30.15 -2.61 14.98
C6 GLA G . 30.21 -2.25 16.44
O1 GLA G . 28.89 -4.32 13.14
O2 GLA G . 29.14 -2.50 10.95
O3 GLA G . 31.38 -1.12 11.77
O4 GLA G . 30.50 -0.33 14.34
O5 GLA G . 28.74 -2.56 14.62
O6 GLA G . 29.45 -3.23 17.11
NI NI H . 27.94 11.50 18.75
CL CL I . -0.92 -10.39 37.77
#